data_4A36
#
_entry.id   4A36
#
_cell.length_a   129.270
_cell.length_b   129.270
_cell.length_c   106.310
_cell.angle_alpha   90.00
_cell.angle_beta   90.00
_cell.angle_gamma   90.00
#
_symmetry.space_group_name_H-M   'P 41'
#
loop_
_entity.id
_entity.type
_entity.pdbx_description
1 polymer 'RETINOIC ACID INDUCIBLE PROTEIN I'
2 polymer "5'-R(*GP*CP*AP*UP*GP*CP*GP*AP*CP*CP*UP*CP*UP*GP *UP*UP*UP*GP*A)-3'"
3 polymer "5'-R(*UP*CP*AP*AP*AP*CP*AP*GP*AP*GP*GP*UP*CP*GP *CP*AP*UP*GP*C)-3'"
4 non-polymer "ADENOSINE-5'-DIPHOSPHATE"
5 non-polymer 'MAGNESIUM ION'
6 non-polymer 'ALUMINUM FLUORIDE'
#
loop_
_entity_poly.entity_id
_entity_poly.type
_entity_poly.pdbx_seq_one_letter_code
_entity_poly.pdbx_strand_id
1 'polypeptide(L)'
;GAMETKKARSYQIELAQPAINGKNALICAPTGSGKTFVSILICEHHFQNMPAGRKAKVVFLATKVPVYEQQKNVFKHHFE
RQGYSVQGISGENFSNVSVEKVIEDSDIIVVTPQILVNSFEDGTLTSLSIFTLMIFDECHNTTGNHPYNVLMTRYLEQKF
NSASQLPQILGLTASVGVGNAKNIEETIEHICSLCSYLDIQAISTVRENIQELQRFMNKPEIDVRLVKRRIHNPFAAIIS
NLMSETEALMRTIYSVDTLSQNSKKDFGTQNYEHWIVVTQRKCRLLQLEDKEEESRICRALFICTEHLRKYNDALIISED
ARIIDALSYLTEFFTNVKNGPYTELEQHLTAKFQEKEPELIALSKDETNENPKLEELVCILDDAYRYNPQTRTLLFAKTR
ALVSALKKCMEENPILNYIKPGVLMGRGRRDQTTGMTLPSQKGVLDAFKTSKDNRLLIATSVADEGIDIVQCNLVVLYEY
SGNVTKMIQVRGRGRAAGSKCILVTSKTEVVENEKCNRYKEEMMNKAVEKIQKWDEETFAKKIHNLQMKERVLRDS
;
A,B
2 'polyribonucleotide' GCAUGCGACCUCUGUUUGA R,T
3 'polyribonucleotide' UCAAACAGAGGUCGCAUGC S,U
#
# COMPACT_ATOMS: atom_id res chain seq x y z
N LYS A 6 57.65 -6.23 -5.09
CA LYS A 6 56.28 -5.97 -5.61
C LYS A 6 56.33 -5.77 -7.13
N LYS A 7 56.48 -6.89 -7.84
CA LYS A 7 56.56 -6.90 -9.30
C LYS A 7 55.19 -7.19 -9.90
N ALA A 8 54.81 -6.43 -10.93
CA ALA A 8 53.53 -6.61 -11.59
C ALA A 8 53.23 -8.08 -11.79
N ARG A 9 52.05 -8.52 -11.35
CA ARG A 9 51.61 -9.90 -11.56
C ARG A 9 51.01 -10.00 -12.93
N SER A 10 50.87 -11.22 -13.42
CA SER A 10 50.51 -11.44 -14.81
C SER A 10 49.02 -11.20 -15.07
N TYR A 11 48.19 -11.48 -14.07
CA TYR A 11 46.79 -11.12 -14.18
C TYR A 11 46.61 -9.62 -14.02
N GLN A 12 47.50 -8.98 -13.25
CA GLN A 12 47.43 -7.53 -13.08
C GLN A 12 47.70 -6.83 -14.41
N ILE A 13 48.67 -7.36 -15.14
CA ILE A 13 48.99 -6.79 -16.43
C ILE A 13 47.87 -7.14 -17.40
N GLU A 14 47.30 -8.33 -17.24
CA GLU A 14 46.16 -8.79 -18.07
C GLU A 14 44.90 -7.93 -17.87
N LEU A 15 44.52 -7.71 -16.61
CA LEU A 15 43.38 -6.85 -16.26
C LEU A 15 43.55 -5.46 -16.84
N ALA A 16 44.80 -5.03 -16.95
CA ALA A 16 45.13 -3.71 -17.47
C ALA A 16 44.63 -3.51 -18.90
N GLN A 17 44.81 -4.54 -19.73
CA GLN A 17 44.69 -4.42 -21.20
C GLN A 17 43.58 -3.49 -21.72
N PRO A 18 42.30 -3.81 -21.45
CA PRO A 18 41.22 -3.04 -22.07
C PRO A 18 41.26 -1.54 -21.76
N ALA A 19 41.75 -1.18 -20.58
CA ALA A 19 41.88 0.22 -20.23
C ALA A 19 42.97 0.90 -21.05
N ILE A 20 44.04 0.18 -21.36
CA ILE A 20 45.18 0.80 -22.07
C ILE A 20 44.81 1.02 -23.52
N ASN A 21 43.99 0.12 -24.04
CA ASN A 21 43.40 0.32 -25.35
C ASN A 21 42.37 1.46 -25.31
N GLY A 22 42.36 2.23 -24.22
CA GLY A 22 41.63 3.49 -24.17
C GLY A 22 40.17 3.36 -23.78
N LYS A 23 39.71 2.16 -23.48
CA LYS A 23 38.30 1.92 -23.25
C LYS A 23 37.95 2.13 -21.79
N ASN A 24 36.79 2.73 -21.56
CA ASN A 24 36.27 2.85 -20.21
C ASN A 24 36.04 1.45 -19.61
N ALA A 25 36.91 1.09 -18.67
CA ALA A 25 36.94 -0.25 -18.10
C ALA A 25 36.30 -0.32 -16.74
N LEU A 26 35.74 -1.47 -16.42
CA LEU A 26 35.42 -1.80 -15.05
C LEU A 26 36.32 -2.98 -14.70
N ILE A 27 37.08 -2.84 -13.63
CA ILE A 27 37.98 -3.91 -13.21
C ILE A 27 37.36 -4.70 -12.06
N CYS A 28 36.56 -5.72 -12.38
CA CYS A 28 36.12 -6.69 -11.36
C CYS A 28 37.23 -7.71 -11.13
N ALA A 29 37.74 -7.73 -9.91
CA ALA A 29 38.78 -8.66 -9.50
C ALA A 29 38.82 -8.71 -7.97
N PRO A 30 38.96 -9.92 -7.41
CA PRO A 30 38.59 -10.25 -6.03
C PRO A 30 39.20 -9.34 -4.97
N THR A 31 38.54 -9.32 -3.82
CA THR A 31 38.98 -8.44 -2.75
C THR A 31 40.38 -8.86 -2.35
N GLY A 32 41.32 -7.97 -2.65
CA GLY A 32 42.73 -8.10 -2.26
C GLY A 32 43.71 -8.34 -3.40
N SER A 33 43.19 -8.59 -4.59
CA SER A 33 44.02 -8.97 -5.73
C SER A 33 44.97 -7.88 -6.22
N GLY A 34 44.83 -6.68 -5.69
CA GLY A 34 45.73 -5.59 -6.07
C GLY A 34 45.20 -4.79 -7.24
N LYS A 35 43.92 -4.48 -7.20
CA LYS A 35 43.31 -3.64 -8.20
C LYS A 35 43.97 -2.25 -8.21
N THR A 36 44.35 -1.76 -7.01
CA THR A 36 44.97 -0.43 -6.87
C THR A 36 46.23 -0.35 -7.70
N PHE A 37 47.00 -1.43 -7.74
CA PHE A 37 48.22 -1.47 -8.57
C PHE A 37 47.89 -1.39 -10.06
N VAL A 38 46.92 -2.20 -10.48
CA VAL A 38 46.40 -2.17 -11.85
C VAL A 38 46.11 -0.72 -12.25
N SER A 39 45.49 0.04 -11.36
CA SER A 39 45.09 1.41 -11.68
C SER A 39 46.27 2.35 -11.82
N ILE A 40 47.34 2.10 -11.08
CA ILE A 40 48.53 2.93 -11.23
C ILE A 40 49.21 2.47 -12.54
N LEU A 41 49.28 1.16 -12.77
CA LEU A 41 49.79 0.66 -14.06
C LEU A 41 49.03 1.28 -15.23
N ILE A 42 47.70 1.34 -15.13
CA ILE A 42 46.88 2.02 -16.15
C ILE A 42 47.40 3.45 -16.25
N CYS A 43 47.67 4.07 -15.10
CA CYS A 43 48.04 5.47 -15.05
C CYS A 43 49.36 5.77 -15.77
N GLU A 44 50.33 4.89 -15.65
CA GLU A 44 51.59 5.10 -16.37
C GLU A 44 51.27 5.07 -17.86
N HIS A 45 50.64 4.00 -18.31
CA HIS A 45 50.26 3.87 -19.71
C HIS A 45 49.24 4.86 -20.17
N HIS A 46 48.92 5.83 -19.31
CA HIS A 46 48.09 6.98 -19.70
C HIS A 46 48.97 8.13 -20.01
N PHE A 47 49.91 8.41 -19.13
CA PHE A 47 50.87 9.49 -19.36
C PHE A 47 51.77 9.16 -20.55
N GLN A 48 52.41 7.98 -20.51
CA GLN A 48 53.18 7.46 -21.63
C GLN A 48 52.54 7.79 -22.96
N ASN A 49 51.30 7.32 -23.13
CA ASN A 49 50.60 7.37 -24.41
C ASN A 49 49.96 8.71 -24.78
N MET A 50 49.95 9.67 -23.86
CA MET A 50 49.33 10.98 -24.15
C MET A 50 49.80 11.58 -25.47
N PRO A 51 48.86 11.87 -26.39
CA PRO A 51 49.20 12.44 -27.68
C PRO A 51 49.21 13.97 -27.68
N ALA A 52 49.94 14.53 -28.64
CA ALA A 52 50.03 15.98 -28.85
C ALA A 52 50.67 16.69 -27.66
N GLY A 53 50.41 17.99 -27.56
CA GLY A 53 50.85 18.79 -26.43
C GLY A 53 49.88 18.74 -25.26
N ARG A 54 48.61 18.46 -25.56
CA ARG A 54 47.59 18.31 -24.53
C ARG A 54 48.00 17.20 -23.55
N LYS A 55 48.10 17.54 -22.26
CA LYS A 55 48.59 16.59 -21.25
C LYS A 55 47.52 16.25 -20.21
N ALA A 56 47.90 15.41 -19.26
CA ALA A 56 46.98 14.61 -18.50
C ALA A 56 46.79 15.09 -17.09
N LYS A 57 45.53 15.15 -16.65
CA LYS A 57 45.18 15.19 -15.22
C LYS A 57 44.39 13.93 -14.89
N VAL A 58 44.81 13.25 -13.83
CA VAL A 58 44.18 12.04 -13.36
C VAL A 58 43.52 12.31 -12.01
N VAL A 59 42.25 11.94 -11.87
CA VAL A 59 41.60 12.01 -10.56
C VAL A 59 41.17 10.67 -10.01
N PHE A 60 41.71 10.33 -8.86
CA PHE A 60 41.34 9.11 -8.16
C PHE A 60 40.30 9.53 -7.14
N LEU A 61 39.20 8.80 -7.08
CA LEU A 61 38.13 9.13 -6.17
C LEU A 61 37.99 8.00 -5.18
N ALA A 62 37.97 8.30 -3.89
CA ALA A 62 37.78 7.25 -2.88
C ALA A 62 36.67 7.63 -1.90
N THR A 63 35.81 6.67 -1.61
CA THR A 63 34.54 6.94 -0.93
C THR A 63 34.61 7.45 0.51
N LYS A 64 35.28 6.72 1.40
CA LYS A 64 35.43 7.18 2.80
C LYS A 64 36.87 7.66 3.09
N VAL A 65 37.00 8.51 4.13
CA VAL A 65 38.24 9.25 4.42
C VAL A 65 39.50 8.36 4.57
N PRO A 66 39.47 7.32 5.44
CA PRO A 66 40.68 6.51 5.58
C PRO A 66 41.14 5.86 4.28
N VAL A 67 40.18 5.45 3.43
CA VAL A 67 40.51 4.87 2.15
C VAL A 67 41.09 5.94 1.24
N TYR A 68 40.57 7.16 1.33
CA TYR A 68 41.16 8.30 0.60
C TYR A 68 42.61 8.47 1.04
N GLU A 69 42.83 8.41 2.35
CA GLU A 69 44.15 8.62 2.89
C GLU A 69 45.04 7.53 2.36
N GLN A 70 44.65 6.29 2.62
CA GLN A 70 45.44 5.12 2.22
C GLN A 70 45.87 5.19 0.77
N GLN A 71 44.91 5.39 -0.12
CA GLN A 71 45.20 5.39 -1.54
C GLN A 71 45.99 6.65 -1.93
N LYS A 72 45.67 7.79 -1.33
CA LYS A 72 46.46 8.98 -1.56
C LYS A 72 47.94 8.68 -1.32
N ASN A 73 48.24 7.95 -0.25
CA ASN A 73 49.64 7.68 0.12
C ASN A 73 50.35 6.67 -0.75
N VAL A 74 49.64 5.66 -1.23
CA VAL A 74 50.22 4.76 -2.22
C VAL A 74 50.64 5.57 -3.45
N PHE A 75 49.67 6.30 -3.98
CA PHE A 75 49.86 7.11 -5.19
C PHE A 75 51.03 8.11 -5.10
N LYS A 76 51.25 8.71 -3.93
CA LYS A 76 52.39 9.59 -3.75
C LYS A 76 53.70 8.78 -3.81
N HIS A 77 53.77 7.74 -2.99
CA HIS A 77 54.96 6.91 -2.91
C HIS A 77 55.36 6.30 -4.21
N HIS A 78 54.49 6.33 -5.21
CA HIS A 78 54.81 5.70 -6.47
C HIS A 78 55.09 6.67 -7.55
N PHE A 79 54.40 7.81 -7.54
CA PHE A 79 54.51 8.76 -8.65
C PHE A 79 55.33 10.00 -8.29
N GLU A 80 55.49 10.29 -7.00
CA GLU A 80 56.24 11.48 -6.65
C GLU A 80 57.68 11.29 -7.06
N ARG A 81 58.25 10.13 -6.72
CA ARG A 81 59.61 9.81 -7.17
C ARG A 81 59.77 9.84 -8.68
N GLN A 82 58.73 9.54 -9.43
CA GLN A 82 58.78 9.70 -10.88
C GLN A 82 58.84 11.18 -11.28
N GLY A 83 58.45 12.06 -10.35
CA GLY A 83 58.43 13.50 -10.61
C GLY A 83 57.06 13.97 -11.02
N TYR A 84 56.05 13.45 -10.35
CA TYR A 84 54.67 13.87 -10.57
C TYR A 84 54.21 14.69 -9.38
N SER A 85 53.27 15.59 -9.63
CA SER A 85 52.59 16.32 -8.57
C SER A 85 51.35 15.52 -8.19
N VAL A 86 51.38 14.96 -6.99
CA VAL A 86 50.30 14.17 -6.45
C VAL A 86 49.74 14.90 -5.22
N GLN A 87 48.54 15.46 -5.33
CA GLN A 87 47.93 16.22 -4.23
C GLN A 87 46.54 15.71 -3.87
N GLY A 88 46.22 15.68 -2.57
CA GLY A 88 44.96 15.14 -2.10
C GLY A 88 44.02 16.15 -1.49
N ILE A 89 42.97 16.52 -2.23
CA ILE A 89 41.89 17.37 -1.72
C ILE A 89 40.83 16.48 -1.05
N SER A 90 40.15 17.01 -0.04
CA SER A 90 39.38 16.17 0.88
C SER A 90 38.47 17.00 1.78
N GLY A 91 37.82 16.34 2.73
CA GLY A 91 37.00 17.02 3.73
C GLY A 91 37.76 18.01 4.59
N GLU A 92 38.99 17.66 4.97
CA GLU A 92 39.86 18.61 5.68
C GLU A 92 40.34 19.77 4.79
N ASN A 93 40.71 19.47 3.56
CA ASN A 93 41.38 20.44 2.69
C ASN A 93 40.48 21.45 2.01
N PHE A 94 39.17 21.20 1.99
CA PHE A 94 38.30 21.86 1.01
C PHE A 94 38.17 23.36 1.20
N SER A 95 37.97 23.79 2.43
CA SER A 95 37.86 25.21 2.76
C SER A 95 39.23 25.82 3.17
N ASN A 96 40.30 25.21 2.66
CA ASN A 96 41.65 25.71 2.80
C ASN A 96 42.35 25.89 1.45
N VAL A 97 41.73 25.41 0.38
CA VAL A 97 42.34 25.43 -0.95
C VAL A 97 41.34 25.70 -2.04
N SER A 98 41.74 26.46 -3.05
CA SER A 98 40.94 26.58 -4.24
C SER A 98 41.27 25.38 -5.13
N VAL A 99 40.22 24.60 -5.41
CA VAL A 99 40.34 23.41 -6.27
C VAL A 99 40.97 23.80 -7.61
N GLU A 100 40.51 24.94 -8.13
CA GLU A 100 41.03 25.48 -9.38
C GLU A 100 42.50 25.13 -9.51
N LYS A 101 43.29 25.56 -8.53
CA LYS A 101 44.74 25.55 -8.62
C LYS A 101 45.23 24.13 -8.46
N VAL A 102 44.82 23.51 -7.37
CA VAL A 102 45.30 22.18 -7.01
C VAL A 102 45.25 21.21 -8.18
N ILE A 103 44.22 21.30 -9.03
CA ILE A 103 44.18 20.48 -10.24
C ILE A 103 45.30 20.90 -11.20
N GLU A 104 45.38 22.19 -11.48
CA GLU A 104 46.32 22.68 -12.48
C GLU A 104 47.77 22.61 -11.99
N ASP A 105 47.95 22.43 -10.68
CA ASP A 105 49.25 22.10 -10.09
C ASP A 105 49.54 20.60 -10.14
N SER A 106 48.47 19.80 -10.09
CA SER A 106 48.60 18.37 -9.89
C SER A 106 48.53 17.57 -11.17
N ASP A 107 49.36 16.56 -11.26
CA ASP A 107 49.21 15.58 -12.31
C ASP A 107 48.18 14.56 -11.85
N ILE A 108 48.14 14.28 -10.55
CA ILE A 108 47.20 13.33 -9.97
C ILE A 108 46.54 13.91 -8.73
N ILE A 109 45.22 13.96 -8.72
CA ILE A 109 44.48 14.38 -7.53
C ILE A 109 43.74 13.19 -6.96
N VAL A 110 44.04 12.84 -5.71
CA VAL A 110 43.19 11.91 -4.98
C VAL A 110 42.05 12.75 -4.38
N VAL A 111 40.84 12.22 -4.32
CA VAL A 111 39.68 13.02 -3.88
C VAL A 111 38.57 12.21 -3.19
N THR A 112 37.98 12.80 -2.15
CA THR A 112 36.70 12.36 -1.65
C THR A 112 35.71 12.82 -2.71
N PRO A 113 34.72 11.98 -3.03
CA PRO A 113 33.97 12.25 -4.26
C PRO A 113 33.15 13.51 -4.16
N GLN A 114 32.70 13.80 -2.95
CA GLN A 114 31.85 14.93 -2.67
C GLN A 114 32.49 16.24 -3.12
N ILE A 115 33.81 16.32 -2.97
CA ILE A 115 34.55 17.54 -3.24
C ILE A 115 34.35 18.03 -4.66
N LEU A 116 34.40 17.12 -5.62
CA LEU A 116 34.18 17.52 -7.00
C LEU A 116 32.72 17.92 -7.21
N VAL A 117 31.80 17.13 -6.68
CA VAL A 117 30.40 17.55 -6.61
C VAL A 117 30.37 18.95 -6.00
N ASN A 118 30.73 19.04 -4.72
CA ASN A 118 30.81 20.32 -4.04
C ASN A 118 31.26 21.41 -5.01
N SER A 119 32.49 21.32 -5.50
CA SER A 119 33.04 22.42 -6.28
C SER A 119 32.34 22.61 -7.64
N PHE A 120 31.49 21.67 -8.04
CA PHE A 120 30.71 21.82 -9.28
C PHE A 120 29.52 22.76 -9.13
N GLU A 121 28.75 22.58 -8.05
CA GLU A 121 27.68 23.52 -7.68
C GLU A 121 28.27 24.84 -7.19
N ASP A 122 29.41 24.73 -6.52
CA ASP A 122 30.19 25.85 -5.99
C ASP A 122 30.59 26.85 -7.07
N GLY A 123 30.44 26.49 -8.34
CA GLY A 123 30.88 27.34 -9.44
C GLY A 123 32.34 27.08 -9.82
N THR A 124 33.18 26.75 -8.84
CA THR A 124 34.62 26.62 -9.05
C THR A 124 34.96 25.83 -10.31
N LEU A 125 34.01 25.04 -10.80
CA LEU A 125 34.29 24.06 -11.82
C LEU A 125 33.03 23.77 -12.67
N THR A 126 33.17 23.87 -14.00
CA THR A 126 32.07 23.48 -14.91
C THR A 126 32.60 22.92 -16.22
N SER A 127 33.32 21.81 -16.10
CA SER A 127 33.73 20.98 -17.23
C SER A 127 34.48 19.78 -16.68
N LEU A 128 33.93 18.58 -16.83
CA LEU A 128 34.68 17.38 -16.42
C LEU A 128 35.88 17.19 -17.35
N SER A 129 35.83 17.88 -18.50
CA SER A 129 36.91 17.95 -19.46
C SER A 129 38.29 18.20 -18.85
N ILE A 130 38.33 18.84 -17.69
CA ILE A 130 39.59 19.23 -17.03
C ILE A 130 40.54 18.06 -16.77
N PHE A 131 39.98 16.87 -16.53
CA PHE A 131 40.78 15.61 -16.39
C PHE A 131 40.83 14.79 -17.67
N THR A 132 41.79 13.87 -17.72
CA THR A 132 41.89 12.94 -18.84
C THR A 132 41.72 11.48 -18.43
N LEU A 133 41.56 11.23 -17.14
CA LEU A 133 41.27 9.90 -16.60
C LEU A 133 40.67 10.01 -15.19
N MET A 134 39.54 9.37 -14.97
CA MET A 134 38.99 9.28 -13.63
C MET A 134 38.99 7.83 -13.14
N ILE A 135 39.24 7.63 -11.85
CA ILE A 135 39.28 6.30 -11.28
C ILE A 135 38.36 6.30 -10.08
N PHE A 136 37.46 5.32 -10.01
CA PHE A 136 36.53 5.19 -8.88
C PHE A 136 36.83 3.94 -8.04
N ASP A 137 37.39 4.10 -6.83
CA ASP A 137 37.71 2.94 -6.00
C ASP A 137 36.45 2.52 -5.27
N GLU A 138 36.22 1.22 -5.25
CA GLU A 138 34.97 0.64 -4.80
C GLU A 138 33.85 1.33 -5.60
N CYS A 139 33.94 1.20 -6.92
CA CYS A 139 33.11 1.96 -7.87
C CYS A 139 31.65 1.57 -7.85
N HIS A 140 31.39 0.41 -7.25
CA HIS A 140 30.05 -0.12 -7.14
C HIS A 140 29.10 0.77 -6.40
N ASN A 141 29.64 1.75 -5.68
CA ASN A 141 28.82 2.74 -4.95
C ASN A 141 28.06 3.74 -5.84
N THR A 142 28.24 3.63 -7.15
CA THR A 142 27.54 4.45 -8.13
C THR A 142 26.03 4.08 -8.20
N THR A 143 25.25 4.66 -7.28
CA THR A 143 23.80 4.46 -7.21
C THR A 143 23.05 5.76 -6.95
N GLY A 144 21.87 5.89 -7.55
CA GLY A 144 20.97 6.98 -7.21
C GLY A 144 21.71 8.28 -7.11
N ASN A 145 21.67 8.89 -5.93
CA ASN A 145 22.23 10.25 -5.75
C ASN A 145 23.50 10.31 -4.90
N HIS A 146 24.14 9.15 -4.74
CA HIS A 146 25.52 9.10 -4.29
C HIS A 146 26.40 9.92 -5.22
N PRO A 147 27.35 10.67 -4.65
CA PRO A 147 28.29 11.49 -5.35
C PRO A 147 28.83 10.92 -6.64
N TYR A 148 29.22 9.65 -6.63
CA TYR A 148 29.75 9.04 -7.84
C TYR A 148 28.77 9.18 -9.00
N ASN A 149 27.48 8.96 -8.74
CA ASN A 149 26.50 8.98 -9.81
C ASN A 149 26.20 10.41 -10.21
N VAL A 150 26.15 11.28 -9.21
CA VAL A 150 25.95 12.71 -9.42
C VAL A 150 26.96 13.22 -10.45
N LEU A 151 28.23 12.91 -10.19
CA LEU A 151 29.30 13.24 -11.11
C LEU A 151 29.09 12.51 -12.42
N MET A 152 28.84 11.21 -12.37
CA MET A 152 28.65 10.46 -13.60
C MET A 152 27.43 10.89 -14.43
N THR A 153 26.34 11.33 -13.78
CA THR A 153 25.22 11.92 -14.51
C THR A 153 25.77 13.06 -15.33
N ARG A 154 26.49 13.94 -14.65
CA ARG A 154 27.12 15.10 -15.26
C ARG A 154 27.94 14.68 -16.48
N TYR A 155 28.85 13.73 -16.29
CA TYR A 155 29.69 13.17 -17.37
C TYR A 155 28.86 12.78 -18.57
N LEU A 156 27.72 12.13 -18.30
CA LEU A 156 26.87 11.60 -19.37
C LEU A 156 26.17 12.72 -20.12
N GLU A 157 25.69 13.73 -19.40
CA GLU A 157 25.12 14.90 -20.06
C GLU A 157 26.16 15.52 -20.99
N GLN A 158 27.32 15.86 -20.46
CA GLN A 158 28.37 16.48 -21.28
C GLN A 158 28.69 15.67 -22.53
N LYS A 159 28.50 14.35 -22.48
CA LYS A 159 28.80 13.50 -23.63
C LYS A 159 28.03 13.97 -24.87
N PHE A 160 26.74 14.23 -24.69
CA PHE A 160 25.87 14.69 -25.78
C PHE A 160 25.95 16.22 -25.96
N ASN A 161 25.99 16.96 -24.85
CA ASN A 161 25.97 18.44 -24.88
C ASN A 161 27.19 19.14 -25.48
N SER A 162 28.26 18.39 -25.77
CA SER A 162 29.42 18.97 -26.48
C SER A 162 30.10 18.00 -27.46
N ALA A 163 30.05 16.69 -27.17
CA ALA A 163 30.85 15.67 -27.88
C ALA A 163 32.31 16.14 -28.09
N SER A 164 32.84 16.87 -27.10
CA SER A 164 34.23 17.36 -27.09
C SER A 164 34.99 16.85 -25.84
N GLN A 165 36.08 16.12 -26.10
CA GLN A 165 36.69 15.10 -25.22
C GLN A 165 36.45 15.14 -23.70
N LEU A 166 35.96 14.00 -23.21
CA LEU A 166 35.75 13.72 -21.80
C LEU A 166 36.87 12.83 -21.30
N PRO A 167 36.98 12.64 -19.98
CA PRO A 167 38.01 11.74 -19.52
C PRO A 167 37.62 10.30 -19.70
N GLN A 168 38.65 9.45 -19.71
CA GLN A 168 38.48 8.01 -19.68
C GLN A 168 38.06 7.64 -18.28
N ILE A 169 37.12 6.71 -18.16
CA ILE A 169 36.62 6.26 -16.87
C ILE A 169 37.21 4.92 -16.47
N LEU A 170 37.37 4.72 -15.18
CA LEU A 170 37.85 3.45 -14.66
C LEU A 170 37.20 3.13 -13.33
N GLY A 171 36.56 1.97 -13.28
CA GLY A 171 35.94 1.49 -12.07
C GLY A 171 36.78 0.35 -11.54
N LEU A 172 37.15 0.44 -10.27
CA LEU A 172 37.75 -0.68 -9.59
C LEU A 172 36.67 -1.18 -8.67
N THR A 173 36.49 -2.49 -8.58
CA THR A 173 35.56 -3.10 -7.62
C THR A 173 35.74 -4.59 -7.50
N ALA A 174 35.66 -5.09 -6.28
CA ALA A 174 35.71 -6.52 -6.08
C ALA A 174 34.30 -7.08 -5.83
N SER A 175 33.28 -6.25 -6.06
CA SER A 175 31.90 -6.57 -5.69
C SER A 175 30.92 -5.78 -6.52
N VAL A 176 30.64 -6.28 -7.71
CA VAL A 176 29.77 -5.56 -8.65
C VAL A 176 28.31 -5.50 -8.17
N GLY A 177 27.93 -6.40 -7.27
CA GLY A 177 26.60 -6.39 -6.68
C GLY A 177 25.55 -7.17 -7.48
N VAL A 178 24.31 -7.12 -7.03
CA VAL A 178 23.26 -7.96 -7.58
C VAL A 178 21.86 -7.35 -7.52
N GLY A 179 21.75 -6.03 -7.41
CA GLY A 179 20.44 -5.34 -7.42
C GLY A 179 19.43 -6.05 -6.54
N ASN A 180 18.20 -6.20 -7.03
CA ASN A 180 17.22 -7.13 -6.46
C ASN A 180 17.13 -8.45 -7.22
N ALA A 181 17.96 -8.60 -8.24
CA ALA A 181 17.96 -9.78 -9.08
C ALA A 181 17.78 -11.04 -8.23
N LYS A 182 16.69 -11.77 -8.49
CA LYS A 182 16.49 -13.07 -7.88
C LYS A 182 16.95 -14.18 -8.84
N ASN A 183 17.08 -13.85 -10.12
CA ASN A 183 17.53 -14.80 -11.15
C ASN A 183 18.76 -14.26 -11.90
N ILE A 184 19.59 -15.17 -12.43
CA ILE A 184 20.85 -14.81 -13.11
C ILE A 184 20.57 -13.81 -14.24
N GLU A 185 19.42 -13.95 -14.89
CA GLU A 185 19.06 -13.03 -15.96
C GLU A 185 18.91 -11.60 -15.45
N GLU A 186 18.38 -11.44 -14.23
CA GLU A 186 18.19 -10.12 -13.63
C GLU A 186 19.50 -9.52 -13.09
N THR A 187 20.29 -10.38 -12.45
CA THR A 187 21.64 -10.03 -12.02
C THR A 187 22.44 -9.42 -13.17
N ILE A 188 22.29 -10.00 -14.37
CA ILE A 188 22.91 -9.43 -15.57
C ILE A 188 22.36 -8.05 -15.90
N GLU A 189 21.05 -7.87 -15.72
CA GLU A 189 20.44 -6.58 -16.01
C GLU A 189 20.97 -5.54 -15.04
N HIS A 190 21.26 -5.98 -13.82
CA HIS A 190 21.78 -5.08 -12.79
C HIS A 190 23.22 -4.72 -12.97
N ILE A 191 24.04 -5.69 -13.32
CA ILE A 191 25.46 -5.45 -13.61
C ILE A 191 25.58 -4.53 -14.81
N CYS A 192 24.79 -4.82 -15.85
CA CYS A 192 24.82 -4.01 -17.07
C CYS A 192 24.32 -2.63 -16.78
N SER A 193 23.36 -2.53 -15.87
CA SER A 193 22.92 -1.24 -15.40
C SER A 193 24.12 -0.47 -14.83
N LEU A 194 24.87 -1.09 -13.92
CA LEU A 194 26.00 -0.42 -13.27
C LEU A 194 27.04 0.03 -14.28
N CYS A 195 27.30 -0.79 -15.28
CA CYS A 195 28.24 -0.44 -16.34
C CYS A 195 27.79 0.81 -17.08
N SER A 196 26.48 0.97 -17.24
CA SER A 196 25.94 2.13 -17.92
C SER A 196 26.17 3.39 -17.11
N TYR A 197 25.84 3.35 -15.83
CA TYR A 197 26.02 4.52 -14.96
C TYR A 197 27.43 5.10 -15.08
N LEU A 198 28.45 4.21 -15.10
CA LEU A 198 29.86 4.60 -15.20
C LEU A 198 30.37 4.54 -16.65
N ASP A 199 29.45 4.41 -17.61
CA ASP A 199 29.76 4.44 -19.04
C ASP A 199 30.83 3.44 -19.46
N ILE A 200 30.73 2.22 -18.98
CA ILE A 200 31.71 1.20 -19.29
C ILE A 200 31.54 0.70 -20.73
N GLN A 201 32.65 0.33 -21.33
CA GLN A 201 32.66 -0.24 -22.67
C GLN A 201 33.35 -1.59 -22.64
N ALA A 202 34.04 -1.92 -21.55
CA ALA A 202 34.56 -3.27 -21.35
C ALA A 202 34.65 -3.58 -19.87
N ILE A 203 34.34 -4.82 -19.51
CA ILE A 203 34.47 -5.31 -18.15
C ILE A 203 35.75 -6.12 -18.11
N SER A 204 36.62 -5.88 -17.14
CA SER A 204 37.87 -6.66 -17.05
C SER A 204 37.78 -7.73 -15.96
N THR A 205 38.21 -8.94 -16.32
CA THR A 205 38.10 -10.14 -15.50
C THR A 205 39.46 -10.79 -15.56
N VAL A 206 39.85 -11.57 -14.56
CA VAL A 206 41.03 -12.44 -14.77
C VAL A 206 40.53 -13.62 -15.59
N ARG A 207 40.56 -13.46 -16.90
CA ARG A 207 40.09 -14.48 -17.80
C ARG A 207 41.16 -15.58 -17.93
N GLU A 208 42.28 -15.25 -18.55
CA GLU A 208 43.26 -16.24 -19.01
C GLU A 208 44.23 -16.70 -17.92
N ASN A 209 44.46 -15.88 -16.89
CA ASN A 209 45.45 -16.15 -15.83
C ASN A 209 44.87 -16.55 -14.48
N ILE A 210 43.80 -17.34 -14.48
CA ILE A 210 43.09 -17.67 -13.23
C ILE A 210 43.99 -18.35 -12.20
N GLN A 211 44.83 -19.27 -12.66
CA GLN A 211 45.63 -20.08 -11.75
C GLN A 211 46.52 -19.20 -10.88
N GLU A 212 47.17 -18.21 -11.52
CA GLU A 212 48.01 -17.23 -10.82
C GLU A 212 47.22 -16.48 -9.75
N LEU A 213 45.97 -16.16 -10.06
CA LEU A 213 45.12 -15.37 -9.17
C LEU A 213 44.73 -16.15 -7.92
N GLN A 214 44.49 -17.44 -8.05
CA GLN A 214 44.04 -18.23 -6.89
C GLN A 214 45.15 -18.41 -5.86
N ARG A 215 46.40 -18.36 -6.33
CA ARG A 215 47.54 -18.21 -5.43
C ARG A 215 47.34 -16.99 -4.53
N PHE A 216 47.60 -15.82 -5.10
CA PHE A 216 47.87 -14.62 -4.33
C PHE A 216 46.78 -14.30 -3.33
N MET A 217 45.55 -14.12 -3.78
CA MET A 217 44.48 -13.97 -2.80
C MET A 217 43.48 -15.10 -2.89
N ASN A 218 43.06 -15.50 -1.70
CA ASN A 218 42.12 -16.57 -1.52
C ASN A 218 41.13 -16.14 -0.43
N LYS A 219 39.97 -16.79 -0.45
CA LYS A 219 38.86 -16.50 0.45
C LYS A 219 38.27 -17.81 0.94
N PRO A 220 37.58 -17.80 2.09
CA PRO A 220 36.94 -18.99 2.63
C PRO A 220 35.45 -18.77 2.91
N GLU A 221 34.88 -19.67 3.71
CA GLU A 221 33.55 -19.48 4.28
C GLU A 221 33.48 -18.28 5.22
N ILE A 222 32.25 -17.89 5.57
CA ILE A 222 31.99 -16.91 6.63
C ILE A 222 31.39 -17.66 7.82
N ASP A 223 32.24 -18.17 8.68
CA ASP A 223 31.82 -18.95 9.87
C ASP A 223 30.68 -18.26 10.66
N VAL A 224 29.45 -18.72 10.43
CA VAL A 224 28.26 -18.17 11.10
C VAL A 224 28.08 -18.84 12.46
N ARG A 225 27.84 -18.05 13.50
CA ARG A 225 27.65 -18.59 14.84
C ARG A 225 26.44 -17.99 15.56
N LEU A 226 25.38 -18.79 15.67
CA LEU A 226 24.14 -18.40 16.34
C LEU A 226 24.28 -18.74 17.81
N VAL A 227 23.97 -17.77 18.68
CA VAL A 227 23.91 -18.02 20.12
C VAL A 227 22.52 -17.67 20.61
N LYS A 228 21.88 -18.59 21.34
CA LYS A 228 20.51 -18.37 21.77
C LYS A 228 20.49 -17.39 22.92
N ARG A 229 19.50 -16.49 22.91
CA ARG A 229 19.32 -15.49 23.95
C ARG A 229 19.30 -16.17 25.30
N ARG A 230 20.05 -15.63 26.27
CA ARG A 230 20.16 -16.32 27.56
C ARG A 230 18.81 -16.42 28.27
N ILE A 231 18.28 -17.63 28.29
CA ILE A 231 17.09 -17.96 29.09
C ILE A 231 17.21 -17.39 30.50
N HIS A 232 16.07 -16.96 31.05
CA HIS A 232 16.01 -16.26 32.32
C HIS A 232 16.77 -14.94 32.24
N ASN A 233 16.11 -13.93 31.69
CA ASN A 233 16.65 -12.57 31.63
C ASN A 233 15.82 -11.65 32.53
N PRO A 234 16.31 -11.41 33.77
CA PRO A 234 15.57 -10.54 34.69
C PRO A 234 15.53 -9.09 34.24
N PHE A 235 16.69 -8.59 33.82
CA PHE A 235 16.84 -7.19 33.45
C PHE A 235 15.85 -6.72 32.40
N ALA A 236 15.58 -7.58 31.41
CA ALA A 236 14.60 -7.27 30.36
C ALA A 236 13.21 -7.04 30.94
N ALA A 237 12.80 -7.91 31.86
CA ALA A 237 11.49 -7.84 32.50
C ALA A 237 11.35 -6.56 33.33
N ILE A 238 12.38 -6.26 34.12
CA ILE A 238 12.34 -5.16 35.08
C ILE A 238 12.09 -3.82 34.40
N ILE A 239 12.87 -3.54 33.36
CA ILE A 239 12.75 -2.28 32.59
C ILE A 239 11.40 -2.21 31.87
N SER A 240 11.02 -3.30 31.21
CA SER A 240 9.74 -3.37 30.49
C SER A 240 8.56 -3.02 31.39
N ASN A 241 8.60 -3.48 32.64
CA ASN A 241 7.56 -3.14 33.62
C ASN A 241 7.62 -1.69 34.06
N LEU A 242 8.84 -1.19 34.25
CA LEU A 242 9.05 0.22 34.57
C LEU A 242 8.69 1.14 33.40
N MET A 243 8.65 0.57 32.20
CA MET A 243 8.13 1.26 31.01
C MET A 243 6.60 1.13 30.94
N SER A 244 6.07 -0.04 31.29
CA SER A 244 4.61 -0.28 31.29
C SER A 244 3.87 0.67 32.22
N GLU A 245 4.44 0.92 33.39
CA GLU A 245 3.88 1.86 34.35
C GLU A 245 3.93 3.30 33.84
N THR A 246 4.96 3.61 33.04
CA THR A 246 5.10 4.91 32.39
C THR A 246 4.18 5.05 31.16
N GLU A 247 3.87 3.94 30.50
CA GLU A 247 2.86 3.91 29.42
C GLU A 247 1.44 3.96 30.00
N ALA A 248 1.23 3.33 31.16
CA ALA A 248 -0.06 3.40 31.86
C ALA A 248 -0.38 4.84 32.25
N LEU A 249 0.64 5.57 32.70
CA LEU A 249 0.51 6.99 33.11
C LEU A 249 0.30 7.95 31.93
N MET A 250 0.70 7.53 30.72
CA MET A 250 0.51 8.36 29.53
C MET A 250 -0.98 8.53 29.17
N ARG A 251 -1.75 7.44 29.22
CA ARG A 251 -3.20 7.50 29.02
C ARG A 251 -3.84 8.50 29.97
N THR A 252 -3.31 8.54 31.20
CA THR A 252 -3.82 9.40 32.28
C THR A 252 -3.50 10.90 32.10
N ILE A 253 -3.13 11.31 30.89
CA ILE A 253 -2.91 12.73 30.59
C ILE A 253 -3.36 13.05 29.17
N PHE A 267 8.63 -3.68 22.81
CA PHE A 267 9.30 -2.76 23.73
C PHE A 267 10.71 -2.38 23.26
N GLY A 268 11.66 -3.32 23.35
CA GLY A 268 13.06 -3.06 22.97
C GLY A 268 13.32 -3.12 21.47
N THR A 269 12.46 -2.46 20.68
CA THR A 269 12.45 -2.54 19.21
C THR A 269 12.65 -1.16 18.59
N GLN A 270 13.02 -1.14 17.31
CA GLN A 270 13.11 0.11 16.55
C GLN A 270 11.79 0.87 16.60
N ASN A 271 10.70 0.13 16.42
CA ASN A 271 9.35 0.69 16.35
C ASN A 271 8.95 1.51 17.57
N TYR A 272 9.45 1.12 18.74
CA TYR A 272 9.15 1.87 19.96
C TYR A 272 9.76 3.28 19.90
N GLU A 273 10.97 3.38 19.35
CA GLU A 273 11.64 4.68 19.13
C GLU A 273 10.86 5.52 18.12
N HIS A 274 10.42 4.87 17.04
CA HIS A 274 9.60 5.51 15.99
C HIS A 274 8.31 6.04 16.55
N TRP A 275 7.67 5.24 17.40
CA TRP A 275 6.42 5.63 18.04
C TRP A 275 6.59 6.74 19.04
N ILE A 276 7.73 6.80 19.71
CA ILE A 276 8.03 7.89 20.65
C ILE A 276 8.18 9.24 19.92
N VAL A 277 8.70 9.20 18.68
CA VAL A 277 8.82 10.42 17.86
C VAL A 277 7.47 10.79 17.22
N VAL A 278 6.61 9.79 16.98
CA VAL A 278 5.23 10.04 16.55
C VAL A 278 4.53 10.88 17.62
N THR A 279 4.70 10.47 18.88
CA THR A 279 4.05 11.10 20.01
C THR A 279 4.72 12.42 20.46
N GLN A 280 5.99 12.63 20.09
CA GLN A 280 6.70 13.88 20.43
C GLN A 280 6.43 15.03 19.44
N ARG A 281 6.05 14.68 18.21
CA ARG A 281 5.69 15.68 17.20
C ARG A 281 4.23 16.13 17.30
N LYS A 282 3.35 15.18 17.65
CA LYS A 282 1.91 15.47 17.82
C LYS A 282 1.61 16.54 18.89
N CYS A 283 2.35 16.49 20.00
CA CYS A 283 2.20 17.45 21.11
C CYS A 283 2.94 18.76 20.87
N ARG A 284 3.80 18.78 19.86
CA ARG A 284 4.49 19.99 19.42
C ARG A 284 3.73 20.59 18.24
N GLU A 292 -3.04 27.25 29.01
CA GLU A 292 -1.98 26.60 29.78
C GLU A 292 -2.47 25.34 30.52
N GLU A 293 -3.62 24.80 30.10
CA GLU A 293 -3.96 23.39 30.34
C GLU A 293 -3.46 22.55 29.15
N GLU A 294 -3.05 23.24 28.09
CA GLU A 294 -2.32 22.65 26.96
C GLU A 294 -0.82 22.59 27.28
N SER A 295 -0.28 23.68 27.81
CA SER A 295 1.16 23.88 27.98
C SER A 295 1.77 23.02 29.13
N ARG A 296 0.95 22.70 30.13
CA ARG A 296 1.37 21.81 31.22
C ARG A 296 1.23 20.32 30.83
N ILE A 297 0.25 20.01 29.98
CA ILE A 297 0.12 18.67 29.39
C ILE A 297 1.14 18.47 28.26
N CYS A 298 1.57 19.57 27.62
CA CYS A 298 2.57 19.54 26.53
C CYS A 298 3.92 19.01 27.00
N ARG A 299 4.53 19.71 27.97
CA ARG A 299 5.83 19.32 28.51
C ARG A 299 5.72 18.24 29.60
N ALA A 300 4.52 17.65 29.74
CA ALA A 300 4.32 16.44 30.53
C ALA A 300 4.71 15.22 29.72
N LEU A 301 4.41 15.25 28.41
CA LEU A 301 4.77 14.15 27.51
C LEU A 301 6.21 14.22 27.00
N PHE A 302 6.84 15.39 27.07
CA PHE A 302 8.28 15.50 26.81
C PHE A 302 9.10 15.02 28.01
N ILE A 303 8.41 14.60 29.08
CA ILE A 303 9.01 13.91 30.22
C ILE A 303 8.67 12.40 30.20
N CYS A 304 7.45 12.06 29.79
CA CYS A 304 7.04 10.65 29.62
C CYS A 304 7.79 9.95 28.49
N THR A 305 7.90 10.62 27.35
CA THR A 305 8.52 10.04 26.14
C THR A 305 10.03 9.83 26.29
N GLU A 306 10.72 10.79 26.90
CA GLU A 306 12.17 10.71 27.09
C GLU A 306 12.56 9.52 27.96
N HIS A 307 11.94 9.42 29.14
CA HIS A 307 12.22 8.30 30.04
C HIS A 307 11.94 6.97 29.40
N LEU A 308 10.83 6.87 28.67
CA LEU A 308 10.52 5.66 27.89
C LEU A 308 11.57 5.38 26.81
N ARG A 309 12.08 6.44 26.19
CA ARG A 309 13.11 6.35 25.16
C ARG A 309 14.45 5.87 25.70
N LYS A 310 14.87 6.45 26.83
CA LYS A 310 16.17 6.12 27.43
C LYS A 310 16.11 4.79 28.17
N TYR A 311 14.91 4.36 28.55
CA TYR A 311 14.69 2.98 28.99
C TYR A 311 14.82 2.06 27.79
N ASN A 312 14.17 2.44 26.69
CA ASN A 312 14.22 1.68 25.46
C ASN A 312 15.65 1.49 25.00
N ASP A 313 16.39 2.60 24.87
CA ASP A 313 17.80 2.56 24.48
C ASP A 313 18.62 1.66 25.41
N ALA A 314 18.25 1.66 26.69
CA ALA A 314 18.94 0.85 27.70
C ALA A 314 18.71 -0.65 27.50
N LEU A 315 17.51 -1.02 27.05
CA LEU A 315 17.20 -2.42 26.73
C LEU A 315 18.08 -2.86 25.58
N ILE A 316 18.02 -2.07 24.51
CA ILE A 316 18.67 -2.37 23.24
C ILE A 316 20.18 -2.22 23.32
N ILE A 317 20.66 -1.50 24.33
CA ILE A 317 22.08 -1.44 24.62
C ILE A 317 22.54 -2.71 25.31
N SER A 318 21.70 -3.28 26.17
CA SER A 318 22.02 -4.56 26.80
C SER A 318 21.88 -5.71 25.82
N GLU A 319 21.01 -5.52 24.83
CA GLU A 319 20.79 -6.51 23.78
C GLU A 319 22.13 -7.08 23.26
N ASP A 320 23.08 -6.19 23.01
CA ASP A 320 24.39 -6.55 22.48
C ASP A 320 25.44 -6.60 23.58
N ALA A 321 25.46 -5.57 24.41
CA ALA A 321 26.57 -5.34 25.36
C ALA A 321 26.40 -6.15 26.64
N ARG A 322 26.95 -5.62 27.74
CA ARG A 322 26.70 -6.16 29.07
C ARG A 322 25.60 -5.35 29.75
N ILE A 323 25.07 -5.92 30.82
CA ILE A 323 24.05 -5.25 31.65
C ILE A 323 24.70 -4.03 32.29
N ILE A 324 26.00 -4.17 32.56
CA ILE A 324 26.82 -3.13 33.19
C ILE A 324 26.91 -1.89 32.31
N ASP A 325 26.78 -2.07 30.99
CA ASP A 325 26.68 -0.96 30.06
C ASP A 325 25.28 -0.34 30.07
N ALA A 326 24.26 -1.17 30.21
CA ALA A 326 22.88 -0.69 30.26
C ALA A 326 22.65 0.17 31.50
N LEU A 327 23.05 -0.35 32.68
CA LEU A 327 22.89 0.36 33.96
C LEU A 327 23.76 1.60 34.02
N SER A 328 24.92 1.54 33.37
CA SER A 328 25.76 2.72 33.17
C SER A 328 24.96 3.79 32.43
N TYR A 329 24.40 3.41 31.31
CA TYR A 329 23.63 4.34 30.49
C TYR A 329 22.51 5.01 31.29
N LEU A 330 21.95 4.29 32.26
CA LEU A 330 20.80 4.76 33.03
C LEU A 330 21.17 5.71 34.16
N THR A 331 22.17 5.35 34.98
CA THR A 331 22.69 6.26 36.02
C THR A 331 23.18 7.55 35.40
N GLU A 332 23.69 7.44 34.16
CA GLU A 332 24.08 8.59 33.34
C GLU A 332 22.85 9.45 32.94
N PHE A 333 21.66 8.86 32.95
CA PHE A 333 20.44 9.60 32.70
C PHE A 333 19.72 10.08 33.96
N PHE A 334 19.66 9.24 35.00
CA PHE A 334 18.91 9.57 36.22
C PHE A 334 19.61 10.61 37.11
N THR A 335 20.94 10.70 37.02
CA THR A 335 21.68 11.79 37.66
C THR A 335 21.59 13.08 36.82
N ASN A 336 21.24 12.94 35.54
CA ASN A 336 20.96 14.08 34.65
C ASN A 336 19.52 14.59 34.70
N VAL A 337 18.63 13.82 35.33
CA VAL A 337 17.23 14.23 35.55
C VAL A 337 17.15 15.32 36.62
N LYS A 338 18.12 15.31 37.54
CA LYS A 338 18.21 16.31 38.61
C LYS A 338 18.57 17.68 38.03
N ASN A 339 19.55 17.71 37.13
CA ASN A 339 20.06 18.95 36.52
C ASN A 339 18.99 19.92 36.03
N GLY A 340 18.17 19.47 35.09
CA GLY A 340 17.15 20.32 34.49
C GLY A 340 15.99 20.61 35.42
N PRO A 341 14.76 20.69 34.88
CA PRO A 341 13.59 21.05 35.68
C PRO A 341 13.39 20.20 36.94
N TYR A 342 13.39 18.87 36.76
CA TYR A 342 13.10 17.92 37.82
C TYR A 342 11.75 18.22 38.48
N THR A 343 10.71 18.28 37.64
CA THR A 343 9.35 18.61 38.07
C THR A 343 8.71 17.45 38.85
N GLU A 344 7.47 17.63 39.27
CA GLU A 344 6.73 16.64 40.05
C GLU A 344 6.85 15.22 39.49
N LEU A 345 6.54 15.07 38.19
CA LEU A 345 6.56 13.76 37.54
C LEU A 345 8.00 13.20 37.45
N GLU A 346 8.96 14.08 37.17
CA GLU A 346 10.37 13.68 37.10
C GLU A 346 10.87 13.12 38.43
N GLN A 347 10.21 13.48 39.53
CA GLN A 347 10.50 12.92 40.85
C GLN A 347 9.82 11.58 41.10
N HIS A 348 8.58 11.43 40.63
CA HIS A 348 7.80 10.21 40.88
C HIS A 348 8.25 9.04 40.03
N LEU A 349 8.91 9.35 38.91
CA LEU A 349 9.48 8.32 38.01
C LEU A 349 10.91 7.90 38.43
N THR A 350 11.76 8.88 38.72
CA THR A 350 13.13 8.63 39.20
C THR A 350 13.13 7.74 40.44
N ALA A 351 12.17 7.99 41.34
CA ALA A 351 12.01 7.25 42.60
C ALA A 351 11.58 5.78 42.38
N LYS A 352 10.66 5.59 41.43
CA LYS A 352 10.21 4.24 41.04
C LYS A 352 11.39 3.36 40.59
N PHE A 353 12.39 4.01 40.00
CA PHE A 353 13.61 3.35 39.54
C PHE A 353 14.56 2.97 40.68
N GLN A 354 14.77 3.91 41.60
CA GLN A 354 15.77 3.74 42.67
C GLN A 354 15.38 2.71 43.73
N GLU A 355 14.08 2.44 43.86
CA GLU A 355 13.59 1.30 44.67
C GLU A 355 14.03 0.00 44.02
N LYS A 356 13.81 -0.11 42.71
CA LYS A 356 14.15 -1.30 41.95
C LYS A 356 15.60 -1.28 41.44
N GLU A 357 16.40 -0.30 41.87
CA GLU A 357 17.80 -0.16 41.43
C GLU A 357 18.82 -1.13 42.07
N PRO A 358 18.81 -1.27 43.42
CA PRO A 358 19.76 -2.22 44.00
C PRO A 358 19.53 -3.66 43.53
N GLU A 359 18.31 -3.96 43.09
CA GLU A 359 17.99 -5.24 42.44
C GLU A 359 18.88 -5.40 41.19
N LEU A 360 18.96 -4.33 40.40
CA LEU A 360 19.67 -4.32 39.12
C LEU A 360 21.19 -4.31 39.27
N ILE A 361 21.70 -3.50 40.21
CA ILE A 361 23.14 -3.39 40.41
C ILE A 361 23.70 -4.69 41.00
N ALA A 362 22.82 -5.47 41.64
CA ALA A 362 23.12 -6.85 42.05
C ALA A 362 23.18 -7.78 40.84
N LEU A 363 22.35 -7.53 39.84
CA LEU A 363 22.37 -8.27 38.58
C LEU A 363 23.57 -7.89 37.71
N SER A 364 24.00 -6.63 37.77
CA SER A 364 25.24 -6.20 37.11
C SER A 364 26.39 -7.10 37.55
N LYS A 365 26.47 -7.29 38.87
CA LYS A 365 27.53 -8.08 39.50
C LYS A 365 27.48 -9.60 39.18
N ASP A 366 26.51 -10.02 38.36
CA ASP A 366 26.29 -11.44 38.05
C ASP A 366 27.52 -12.06 37.36
N GLU A 367 27.54 -13.39 37.27
CA GLU A 367 28.61 -14.11 36.62
C GLU A 367 28.05 -14.79 35.38
N THR A 368 27.16 -15.77 35.59
CA THR A 368 26.60 -16.58 34.51
C THR A 368 25.72 -15.70 33.63
N ASN A 369 24.74 -15.06 34.26
CA ASN A 369 23.72 -14.27 33.56
C ASN A 369 24.32 -13.04 32.86
N GLU A 370 24.97 -13.29 31.72
CA GLU A 370 25.46 -12.22 30.85
C GLU A 370 25.15 -12.56 29.38
N ASN A 371 25.27 -11.56 28.52
CA ASN A 371 25.05 -11.74 27.08
C ASN A 371 25.97 -12.79 26.47
N PRO A 372 25.39 -13.90 25.98
CA PRO A 372 26.18 -15.02 25.48
C PRO A 372 26.86 -14.74 24.14
N LYS A 373 26.43 -13.69 23.44
CA LYS A 373 27.15 -13.20 22.26
C LYS A 373 28.54 -12.73 22.67
N LEU A 374 28.60 -12.10 23.83
CA LEU A 374 29.88 -11.65 24.37
C LEU A 374 30.69 -12.83 24.94
N GLU A 375 30.02 -13.84 25.48
CA GLU A 375 30.69 -15.09 25.91
C GLU A 375 31.35 -15.82 24.72
N GLU A 376 30.70 -15.76 23.56
CA GLU A 376 31.22 -16.45 22.37
C GLU A 376 32.40 -15.67 21.75
N LEU A 377 32.25 -14.36 21.61
CA LEU A 377 33.34 -13.50 21.12
C LEU A 377 34.60 -13.75 21.95
N VAL A 378 34.47 -13.66 23.27
CA VAL A 378 35.55 -14.02 24.20
C VAL A 378 36.17 -15.37 23.84
N CYS A 379 35.32 -16.38 23.67
CA CYS A 379 35.75 -17.70 23.24
C CYS A 379 36.49 -17.62 21.91
N ILE A 380 35.87 -16.95 20.94
CA ILE A 380 36.39 -16.88 19.56
C ILE A 380 37.78 -16.22 19.50
N LEU A 381 37.93 -15.13 20.23
CA LEU A 381 39.18 -14.36 20.23
C LEU A 381 40.30 -15.11 20.92
N ASP A 382 39.98 -15.80 22.00
CA ASP A 382 40.94 -16.67 22.67
C ASP A 382 41.35 -17.83 21.75
N ASP A 383 40.36 -18.54 21.19
CA ASP A 383 40.57 -19.64 20.21
C ASP A 383 41.61 -19.30 19.15
N ALA A 384 41.71 -18.03 18.80
CA ALA A 384 42.59 -17.56 17.72
C ALA A 384 43.88 -16.94 18.23
N TYR A 385 43.88 -16.43 19.46
CA TYR A 385 45.08 -15.76 19.99
C TYR A 385 46.00 -16.69 20.74
N ARG A 386 45.54 -17.91 21.00
CA ARG A 386 46.42 -18.92 21.58
C ARG A 386 47.03 -19.72 20.44
N TYR A 387 46.18 -20.20 19.52
CA TYR A 387 46.64 -20.89 18.32
C TYR A 387 47.65 -20.05 17.54
N ASN A 388 47.44 -18.74 17.52
CA ASN A 388 48.39 -17.81 16.93
C ASN A 388 48.45 -16.51 17.74
N PRO A 389 49.52 -16.34 18.52
CA PRO A 389 49.64 -15.14 19.36
C PRO A 389 49.82 -13.84 18.58
N GLN A 390 50.23 -13.90 17.32
CA GLN A 390 50.47 -12.66 16.57
C GLN A 390 49.38 -12.38 15.51
N THR A 391 48.16 -12.82 15.78
CA THR A 391 47.02 -12.51 14.92
C THR A 391 46.69 -11.04 15.01
N ARG A 392 46.11 -10.49 13.95
CA ARG A 392 45.53 -9.14 14.01
C ARG A 392 44.07 -9.19 13.58
N THR A 393 43.16 -8.92 14.52
CA THR A 393 41.74 -9.02 14.25
C THR A 393 41.17 -7.67 13.91
N LEU A 394 40.07 -7.67 13.15
CA LEU A 394 39.17 -6.53 13.05
C LEU A 394 37.79 -6.97 13.53
N LEU A 395 37.35 -6.40 14.64
CA LEU A 395 36.01 -6.65 15.13
C LEU A 395 35.07 -5.53 14.66
N PHE A 396 34.17 -5.87 13.74
CA PHE A 396 33.21 -4.90 13.21
C PHE A 396 31.89 -4.95 13.98
N ALA A 397 31.41 -3.79 14.38
CA ALA A 397 30.06 -3.64 14.92
C ALA A 397 29.33 -2.56 14.15
N LYS A 398 28.01 -2.51 14.27
CA LYS A 398 27.26 -1.65 13.39
C LYS A 398 27.32 -0.19 13.81
N THR A 399 27.24 0.06 15.11
CA THR A 399 27.13 1.43 15.62
C THR A 399 28.30 1.84 16.52
N ARG A 400 28.63 3.13 16.44
CA ARG A 400 29.69 3.72 17.24
C ARG A 400 29.52 3.29 18.70
N ALA A 401 28.40 3.68 19.30
CA ALA A 401 28.10 3.33 20.68
C ALA A 401 28.51 1.88 20.98
N LEU A 402 28.09 0.96 20.14
CA LEU A 402 28.40 -0.47 20.32
C LEU A 402 29.90 -0.75 20.17
N VAL A 403 30.52 -0.18 19.14
CA VAL A 403 31.96 -0.36 18.88
C VAL A 403 32.74 0.09 20.10
N SER A 404 32.38 1.28 20.62
CA SER A 404 33.06 1.89 21.77
C SER A 404 32.79 1.11 23.07
N ALA A 405 31.57 0.62 23.20
CA ALA A 405 31.18 -0.22 24.33
C ALA A 405 31.87 -1.58 24.27
N LEU A 406 32.23 -2.02 23.08
CA LEU A 406 32.95 -3.27 22.94
C LEU A 406 34.39 -3.14 23.41
N LYS A 407 35.00 -1.96 23.22
CA LYS A 407 36.37 -1.73 23.71
C LYS A 407 36.41 -1.88 25.23
N LYS A 408 35.38 -1.37 25.90
CA LYS A 408 35.23 -1.58 27.34
C LYS A 408 35.15 -3.07 27.66
N CYS A 409 34.36 -3.81 26.88
CA CYS A 409 34.20 -5.24 27.09
C CYS A 409 35.51 -6.01 26.92
N MET A 410 36.41 -5.52 26.07
CA MET A 410 37.72 -6.14 25.90
C MET A 410 38.62 -5.86 27.10
N GLU A 411 38.80 -4.58 27.38
CA GLU A 411 39.70 -4.09 28.42
C GLU A 411 39.39 -4.70 29.79
N GLU A 412 38.11 -4.77 30.11
CA GLU A 412 37.65 -5.15 31.44
C GLU A 412 37.53 -6.66 31.67
N ASN A 413 37.71 -7.46 30.61
CA ASN A 413 37.67 -8.92 30.72
C ASN A 413 39.10 -9.45 30.90
N PRO A 414 39.39 -10.11 32.04
CA PRO A 414 40.73 -10.65 32.32
C PRO A 414 41.27 -11.60 31.24
N ILE A 415 40.35 -12.37 30.63
CA ILE A 415 40.72 -13.44 29.69
C ILE A 415 41.11 -12.87 28.30
N LEU A 416 40.74 -11.63 28.04
CA LEU A 416 40.94 -11.01 26.72
C LEU A 416 41.89 -9.82 26.70
N ASN A 417 42.32 -9.33 27.86
CA ASN A 417 43.16 -8.13 27.87
C ASN A 417 44.64 -8.41 27.58
N TYR A 418 44.95 -9.63 27.10
CA TYR A 418 46.15 -9.86 26.30
C TYR A 418 46.46 -8.63 25.46
N ILE A 419 45.48 -8.27 24.62
CA ILE A 419 45.65 -7.31 23.54
C ILE A 419 44.99 -6.00 23.91
N LYS A 420 45.72 -4.92 23.65
CA LYS A 420 45.14 -3.59 23.69
C LYS A 420 44.20 -3.49 22.49
N PRO A 421 42.98 -2.97 22.69
CA PRO A 421 42.10 -2.83 21.55
C PRO A 421 41.98 -1.37 21.10
N GLY A 422 42.02 -1.13 19.79
CA GLY A 422 41.77 0.20 19.21
C GLY A 422 40.34 0.39 18.69
N VAL A 423 39.99 1.63 18.30
CA VAL A 423 38.67 1.94 17.73
C VAL A 423 38.77 2.87 16.52
N LEU A 424 37.94 2.60 15.50
CA LEU A 424 37.92 3.35 14.24
C LEU A 424 36.53 3.86 13.92
N MET A 425 36.42 5.08 13.37
CA MET A 425 35.12 5.79 13.36
C MET A 425 35.01 6.97 12.39
N GLY A 426 33.89 7.68 12.47
CA GLY A 426 33.74 9.01 11.88
C GLY A 426 33.70 10.02 13.00
N ARG A 427 32.67 10.85 13.05
CA ARG A 427 32.65 12.00 13.97
C ARG A 427 31.25 12.59 14.23
N GLY A 428 30.84 12.66 15.50
CA GLY A 428 29.48 13.08 15.88
C GLY A 428 29.34 14.56 16.12
N MET A 436 35.35 10.71 16.60
CA MET A 436 36.79 10.53 16.34
C MET A 436 37.36 11.52 15.29
N THR A 437 38.53 12.08 15.61
CA THR A 437 39.17 13.13 14.78
C THR A 437 39.88 12.47 13.59
N LEU A 438 39.93 13.16 12.45
CA LEU A 438 40.62 12.60 11.27
C LEU A 438 42.14 12.37 11.47
N PRO A 439 42.81 13.15 12.34
CA PRO A 439 44.18 12.76 12.71
C PRO A 439 44.22 11.57 13.68
N SER A 440 43.36 11.61 14.69
CA SER A 440 43.19 10.50 15.64
C SER A 440 42.94 9.14 14.95
N GLN A 441 42.34 9.19 13.75
CA GLN A 441 42.17 8.00 12.90
C GLN A 441 43.50 7.55 12.34
N LYS A 442 44.22 8.47 11.69
CA LYS A 442 45.52 8.16 11.11
C LYS A 442 46.39 7.42 12.12
N GLY A 443 46.32 7.86 13.37
CA GLY A 443 47.08 7.25 14.45
C GLY A 443 46.74 5.79 14.71
N VAL A 444 45.46 5.53 14.98
CA VAL A 444 45.02 4.20 15.44
C VAL A 444 45.25 3.13 14.36
N LEU A 445 45.03 3.49 13.09
CA LEU A 445 45.25 2.56 11.97
C LEU A 445 46.72 2.26 11.76
N ASP A 446 47.50 3.35 11.64
CA ASP A 446 48.96 3.30 11.50
C ASP A 446 49.58 2.44 12.61
N ALA A 447 49.07 2.64 13.82
CA ALA A 447 49.41 1.80 14.96
C ALA A 447 49.09 0.35 14.63
N PHE A 448 47.80 0.07 14.51
CA PHE A 448 47.29 -1.29 14.37
C PHE A 448 47.93 -2.17 13.29
N LYS A 449 48.50 -1.56 12.25
CA LYS A 449 49.13 -2.34 11.18
C LYS A 449 50.35 -3.12 11.64
N THR A 450 51.18 -2.50 12.47
CA THR A 450 52.51 -2.99 12.78
C THR A 450 52.95 -2.92 14.25
N SER A 451 52.08 -2.42 15.11
CA SER A 451 52.42 -2.15 16.52
C SER A 451 52.89 -3.38 17.30
N LYS A 452 52.08 -4.44 17.23
CA LYS A 452 52.28 -5.65 18.04
C LYS A 452 51.95 -5.36 19.51
N ASP A 453 51.57 -4.11 19.75
CA ASP A 453 50.89 -3.69 20.97
C ASP A 453 49.39 -4.00 20.76
N ASN A 454 48.64 -3.05 20.19
CA ASN A 454 47.23 -3.30 19.87
C ASN A 454 47.10 -4.13 18.61
N ARG A 455 46.98 -5.43 18.82
CA ARG A 455 46.78 -6.41 17.77
C ARG A 455 45.29 -6.70 17.47
N LEU A 456 44.39 -5.82 17.92
CA LEU A 456 42.98 -5.95 17.56
C LEU A 456 42.33 -4.57 17.44
N LEU A 457 41.54 -4.37 16.36
CA LEU A 457 40.93 -3.09 16.06
C LEU A 457 39.43 -3.23 15.84
N ILE A 458 38.66 -2.81 16.83
CA ILE A 458 37.21 -2.72 16.70
C ILE A 458 36.90 -1.53 15.82
N ALA A 459 36.08 -1.74 14.79
CA ALA A 459 35.75 -0.65 13.87
C ALA A 459 34.32 -0.66 13.36
N THR A 460 33.96 0.43 12.69
CA THR A 460 32.64 0.61 12.15
C THR A 460 32.74 0.59 10.61
N SER A 461 31.63 0.87 9.94
CA SER A 461 31.55 0.89 8.47
C SER A 461 32.70 1.58 7.75
N VAL A 462 33.38 2.52 8.41
CA VAL A 462 34.49 3.21 7.76
C VAL A 462 35.46 2.18 7.20
N ALA A 463 35.77 1.20 8.05
CA ALA A 463 36.78 0.18 7.80
C ALA A 463 36.40 -0.93 6.80
N ASP A 464 35.13 -1.06 6.44
CA ASP A 464 34.65 -2.28 5.74
C ASP A 464 34.96 -2.35 4.25
N GLU A 465 35.41 -1.23 3.67
CA GLU A 465 35.72 -1.16 2.25
C GLU A 465 37.16 -0.69 1.96
N GLY A 466 37.79 -1.35 0.99
CA GLY A 466 39.03 -0.89 0.37
C GLY A 466 40.31 -0.85 1.21
N ILE A 467 40.17 -0.96 2.53
CA ILE A 467 41.26 -0.75 3.49
C ILE A 467 42.17 -1.98 3.67
N ASP A 468 43.48 -1.72 3.64
CA ASP A 468 44.51 -2.76 3.48
C ASP A 468 45.41 -2.98 4.74
N ILE A 469 44.97 -3.82 5.67
CA ILE A 469 45.81 -4.17 6.83
C ILE A 469 46.55 -5.46 6.53
N VAL A 470 47.76 -5.33 5.98
CA VAL A 470 48.45 -6.49 5.43
C VAL A 470 48.50 -7.62 6.44
N GLN A 471 48.90 -7.28 7.65
CA GLN A 471 49.05 -8.28 8.70
C GLN A 471 47.73 -8.75 9.30
N CYS A 472 46.59 -8.35 8.72
CA CYS A 472 45.32 -8.79 9.26
C CYS A 472 45.06 -10.26 8.94
N ASN A 473 44.58 -10.96 9.95
CA ASN A 473 44.52 -12.39 9.92
C ASN A 473 43.08 -12.83 9.97
N LEU A 474 42.38 -12.34 11.00
CA LEU A 474 40.99 -12.69 11.28
C LEU A 474 40.09 -11.44 11.24
N VAL A 475 38.88 -11.61 10.73
CA VAL A 475 37.90 -10.55 10.79
C VAL A 475 36.62 -11.10 11.43
N VAL A 476 36.23 -10.52 12.56
CA VAL A 476 35.02 -10.94 13.27
C VAL A 476 33.87 -9.96 13.10
N LEU A 477 32.68 -10.49 12.85
CA LEU A 477 31.51 -9.66 12.65
C LEU A 477 30.57 -9.83 13.84
N TYR A 478 30.36 -8.75 14.59
CA TYR A 478 29.52 -8.80 15.78
C TYR A 478 28.16 -8.20 15.42
N GLU A 479 27.22 -9.07 15.06
CA GLU A 479 25.91 -8.66 14.59
C GLU A 479 26.07 -7.68 13.42
N TYR A 480 27.05 -7.97 12.57
CA TYR A 480 27.28 -7.18 11.38
C TYR A 480 26.59 -7.94 10.24
N SER A 481 25.48 -7.37 9.79
CA SER A 481 24.52 -8.05 8.93
C SER A 481 24.94 -7.98 7.47
N GLY A 482 23.96 -7.86 6.58
CA GLY A 482 24.11 -7.03 5.38
C GLY A 482 23.93 -7.54 3.97
N ASN A 483 23.96 -6.56 3.06
CA ASN A 483 24.03 -6.73 1.61
C ASN A 483 25.12 -7.73 1.24
N VAL A 484 25.03 -8.32 0.05
CA VAL A 484 26.14 -9.14 -0.48
C VAL A 484 27.44 -8.37 -0.52
N THR A 485 27.35 -7.14 -1.02
CA THR A 485 28.50 -6.27 -1.16
C THR A 485 29.24 -6.14 0.16
N LYS A 486 28.54 -5.73 1.22
CA LYS A 486 29.19 -5.62 2.53
C LYS A 486 29.83 -6.95 2.94
N MET A 487 29.02 -7.99 3.01
CA MET A 487 29.51 -9.31 3.38
C MET A 487 30.45 -9.96 2.34
N ILE A 488 30.87 -9.22 1.30
CA ILE A 488 32.02 -9.62 0.46
C ILE A 488 33.24 -8.77 0.77
N GLN A 489 33.00 -7.47 0.92
CA GLN A 489 34.04 -6.51 1.17
C GLN A 489 34.58 -6.63 2.60
N VAL A 490 33.74 -7.01 3.54
CA VAL A 490 34.17 -7.06 4.93
C VAL A 490 35.08 -8.24 5.14
N ARG A 491 34.74 -9.40 4.57
CA ARG A 491 35.58 -10.59 4.78
C ARG A 491 36.92 -10.46 4.04
N GLY A 492 36.95 -9.49 3.12
CA GLY A 492 38.15 -9.17 2.38
C GLY A 492 39.08 -8.21 3.09
N ARG A 493 38.68 -7.72 4.27
CA ARG A 493 39.59 -6.95 5.11
C ARG A 493 40.66 -7.85 5.66
N GLY A 494 40.36 -9.14 5.78
CA GLY A 494 41.34 -10.16 6.11
C GLY A 494 42.21 -10.49 4.92
N ARG A 495 43.48 -10.11 5.02
CA ARG A 495 44.46 -10.30 3.96
C ARG A 495 45.49 -11.40 4.32
N ALA A 496 46.55 -11.49 3.53
CA ALA A 496 47.79 -12.15 3.92
C ALA A 496 47.66 -13.65 4.22
N ALA A 497 47.08 -14.41 3.29
CA ALA A 497 47.03 -15.89 3.34
C ALA A 497 46.20 -16.39 4.50
N GLY A 498 46.59 -15.97 5.70
CA GLY A 498 45.76 -16.10 6.87
C GLY A 498 44.46 -15.32 6.68
N SER A 499 43.39 -16.06 6.44
CA SER A 499 42.08 -15.47 6.35
C SER A 499 41.14 -16.36 7.13
N LYS A 500 40.31 -15.72 7.93
CA LYS A 500 39.19 -16.37 8.59
C LYS A 500 38.20 -15.26 8.82
N CYS A 501 36.91 -15.58 8.76
CA CYS A 501 35.86 -14.57 8.96
C CYS A 501 34.65 -15.14 9.70
N ILE A 502 34.50 -14.76 10.96
CA ILE A 502 33.51 -15.38 11.86
C ILE A 502 32.43 -14.37 12.25
N LEU A 503 31.18 -14.73 11.96
CA LEU A 503 30.02 -13.91 12.33
C LEU A 503 29.51 -14.39 13.69
N VAL A 504 28.85 -13.50 14.44
CA VAL A 504 28.20 -13.88 15.70
C VAL A 504 26.78 -13.26 15.81
N THR A 505 25.76 -14.07 15.57
CA THR A 505 24.38 -13.60 15.67
C THR A 505 23.64 -14.26 16.79
N SER A 506 22.51 -13.68 17.16
CA SER A 506 21.50 -14.38 17.94
C SER A 506 20.21 -14.46 17.14
N LYS A 507 20.10 -13.68 16.07
CA LYS A 507 18.88 -13.63 15.28
C LYS A 507 18.85 -14.73 14.23
N THR A 508 17.65 -15.19 13.91
CA THR A 508 17.46 -16.22 12.90
C THR A 508 17.76 -15.62 11.56
N GLU A 509 17.02 -14.56 11.23
CA GLU A 509 17.01 -13.97 9.89
C GLU A 509 18.42 -13.63 9.44
N VAL A 510 19.25 -13.15 10.37
CA VAL A 510 20.62 -12.80 10.07
C VAL A 510 21.46 -14.02 9.69
N VAL A 511 21.19 -15.18 10.31
CA VAL A 511 21.88 -16.41 9.91
C VAL A 511 21.47 -16.80 8.51
N GLU A 512 20.21 -16.53 8.18
CA GLU A 512 19.69 -16.85 6.86
C GLU A 512 20.07 -15.82 5.81
N ASN A 513 19.67 -14.57 6.00
CA ASN A 513 20.02 -13.55 5.03
C ASN A 513 21.44 -13.77 4.53
N GLU A 514 22.36 -14.06 5.45
CA GLU A 514 23.75 -14.24 5.08
C GLU A 514 23.91 -15.47 4.15
N LYS A 515 23.23 -16.58 4.45
CA LYS A 515 23.28 -17.74 3.56
C LYS A 515 22.79 -17.28 2.22
N CYS A 516 21.64 -16.62 2.24
CA CYS A 516 21.07 -16.02 1.05
C CYS A 516 22.16 -15.31 0.25
N ASN A 517 23.00 -14.51 0.92
CA ASN A 517 24.12 -13.80 0.29
C ASN A 517 25.09 -14.73 -0.41
N ARG A 518 25.47 -15.82 0.27
CA ARG A 518 26.38 -16.81 -0.32
C ARG A 518 25.84 -17.39 -1.62
N TYR A 519 24.53 -17.37 -1.79
CA TYR A 519 23.91 -17.72 -3.07
C TYR A 519 24.05 -16.52 -4.03
N LYS A 520 23.56 -15.37 -3.61
CA LYS A 520 23.62 -14.17 -4.43
C LYS A 520 25.02 -13.93 -4.97
N GLU A 521 26.04 -14.17 -4.15
CA GLU A 521 27.43 -13.94 -4.54
C GLU A 521 27.87 -14.91 -5.63
N GLU A 522 27.44 -16.15 -5.52
CA GLU A 522 27.75 -17.16 -6.53
C GLU A 522 27.08 -16.70 -7.82
N MET A 523 25.77 -16.41 -7.72
CA MET A 523 24.97 -15.88 -8.83
C MET A 523 25.62 -14.64 -9.50
N MET A 524 26.15 -13.73 -8.66
CA MET A 524 26.82 -12.51 -9.13
C MET A 524 27.96 -12.85 -10.08
N ASN A 525 28.81 -13.80 -9.69
CA ASN A 525 29.96 -14.20 -10.50
C ASN A 525 29.53 -14.69 -11.86
N LYS A 526 28.61 -15.65 -11.89
CA LYS A 526 28.11 -16.22 -13.14
C LYS A 526 27.60 -15.10 -14.04
N ALA A 527 26.75 -14.23 -13.47
CA ALA A 527 26.26 -13.04 -14.17
C ALA A 527 27.36 -12.42 -15.01
N VAL A 528 28.49 -12.17 -14.37
CA VAL A 528 29.64 -11.55 -15.04
C VAL A 528 30.28 -12.52 -16.02
N GLU A 529 30.75 -13.65 -15.50
CA GLU A 529 31.37 -14.69 -16.34
C GLU A 529 30.60 -14.87 -17.64
N LYS A 530 29.28 -14.76 -17.52
CA LYS A 530 28.37 -14.84 -18.65
C LYS A 530 28.47 -13.57 -19.45
N ILE A 531 28.16 -12.42 -18.84
CA ILE A 531 28.21 -11.12 -19.54
C ILE A 531 29.49 -10.99 -20.36
N GLN A 532 30.58 -11.52 -19.82
CA GLN A 532 31.90 -11.49 -20.45
C GLN A 532 31.99 -12.29 -21.74
N LYS A 533 31.07 -13.25 -21.91
CA LYS A 533 31.11 -14.11 -23.09
C LYS A 533 30.32 -13.52 -24.26
N TRP A 534 29.87 -12.28 -24.15
CA TRP A 534 29.26 -11.56 -25.28
C TRP A 534 30.30 -10.95 -26.17
N ASP A 535 29.86 -10.49 -27.34
CA ASP A 535 30.74 -9.81 -28.26
C ASP A 535 30.65 -8.30 -28.00
N GLU A 536 31.74 -7.62 -28.33
CA GLU A 536 31.85 -6.17 -28.25
C GLU A 536 30.52 -5.49 -28.50
N GLU A 537 30.02 -5.64 -29.72
CA GLU A 537 28.87 -4.89 -30.22
C GLU A 537 27.64 -5.05 -29.34
N THR A 538 27.34 -6.28 -28.94
CA THR A 538 26.12 -6.60 -28.21
C THR A 538 26.12 -6.10 -26.77
N PHE A 539 27.29 -6.07 -26.12
CA PHE A 539 27.44 -5.44 -24.79
C PHE A 539 27.28 -3.94 -24.92
N ALA A 540 28.11 -3.34 -25.78
CA ALA A 540 27.99 -1.91 -26.11
C ALA A 540 26.54 -1.56 -26.33
N LYS A 541 25.89 -2.32 -27.22
CA LYS A 541 24.49 -2.08 -27.55
C LYS A 541 23.60 -2.15 -26.29
N LYS A 542 23.90 -3.06 -25.38
CA LYS A 542 23.12 -3.19 -24.15
C LYS A 542 23.23 -1.93 -23.32
N ILE A 543 24.44 -1.40 -23.18
CA ILE A 543 24.67 -0.23 -22.32
C ILE A 543 23.98 1.02 -22.88
N HIS A 544 24.05 1.21 -24.18
CA HIS A 544 23.43 2.39 -24.78
C HIS A 544 21.94 2.31 -24.62
N ASN A 545 21.36 1.18 -25.05
CA ASN A 545 19.96 0.86 -24.82
C ASN A 545 19.51 1.22 -23.39
N LEU A 546 20.36 0.97 -22.41
CA LEU A 546 20.06 1.29 -21.01
C LEU A 546 20.24 2.76 -20.72
N GLN A 547 21.25 3.37 -21.31
CA GLN A 547 21.52 4.79 -21.06
C GLN A 547 20.44 5.66 -21.64
N MET A 548 20.01 5.32 -22.85
CA MET A 548 19.02 6.12 -23.58
C MET A 548 17.76 6.30 -22.73
N LYS A 549 17.65 5.54 -21.63
CA LYS A 549 16.57 5.68 -20.66
C LYS A 549 16.66 7.00 -19.86
N GLU A 550 17.77 7.73 -20.03
CA GLU A 550 18.17 8.84 -19.15
C GLU A 550 18.57 10.17 -19.85
N ARG A 551 18.21 10.33 -21.11
CA ARG A 551 18.63 11.50 -21.91
C ARG A 551 17.95 12.82 -21.52
N VAL A 552 18.18 13.89 -22.31
CA VAL A 552 17.52 15.20 -22.11
C VAL A 552 17.47 16.05 -23.38
N LEU A 553 16.35 16.75 -23.58
CA LEU A 553 16.07 17.49 -24.82
C LEU A 553 16.62 18.92 -24.75
N ARG A 554 16.83 19.55 -25.92
CA ARG A 554 17.45 20.89 -26.03
C ARG A 554 16.78 21.87 -27.01
N ASP A 555 16.25 22.96 -26.49
CA ASP A 555 15.53 23.93 -27.32
C ASP A 555 15.56 25.38 -26.74
N THR B 5 -30.26 30.77 -0.46
CA THR B 5 -29.47 29.74 0.29
C THR B 5 -30.36 28.64 0.88
N LYS B 6 -29.73 27.57 1.36
CA LYS B 6 -30.47 26.39 1.86
C LYS B 6 -30.96 26.65 3.26
N LYS B 7 -32.09 27.36 3.37
CA LYS B 7 -32.70 27.67 4.66
C LYS B 7 -33.78 26.66 4.99
N ALA B 8 -33.84 26.22 6.24
CA ALA B 8 -34.85 25.26 6.67
C ALA B 8 -36.19 25.62 6.04
N ARG B 9 -36.84 24.64 5.43
CA ARG B 9 -38.19 24.80 4.93
C ARG B 9 -39.17 24.54 6.05
N SER B 10 -40.41 24.98 5.85
CA SER B 10 -41.39 24.99 6.94
C SER B 10 -41.99 23.60 7.21
N TYR B 11 -42.08 22.78 6.17
CA TYR B 11 -42.45 21.39 6.37
C TYR B 11 -41.29 20.62 6.97
N GLN B 12 -40.05 21.01 6.64
CA GLN B 12 -38.88 20.34 7.21
C GLN B 12 -38.83 20.56 8.72
N ILE B 13 -39.13 21.78 9.15
CA ILE B 13 -39.17 22.07 10.57
C ILE B 13 -40.38 21.36 11.19
N GLU B 14 -41.50 21.30 10.44
CA GLU B 14 -42.72 20.61 10.88
C GLU B 14 -42.51 19.09 11.09
N LEU B 15 -41.92 18.44 10.09
CA LEU B 15 -41.60 17.01 10.17
C LEU B 15 -40.75 16.72 11.39
N ALA B 16 -39.93 17.69 11.76
CA ALA B 16 -38.99 17.54 12.86
C ALA B 16 -39.68 17.32 14.18
N GLN B 17 -40.79 18.01 14.38
CA GLN B 17 -41.43 18.14 15.70
C GLN B 17 -41.42 16.88 16.57
N PRO B 18 -42.10 15.81 16.12
CA PRO B 18 -42.27 14.63 16.98
C PRO B 18 -40.96 14.01 17.46
N ALA B 19 -39.91 14.09 16.64
CA ALA B 19 -38.61 13.56 17.04
C ALA B 19 -37.93 14.46 18.08
N ILE B 20 -38.22 15.77 18.07
CA ILE B 20 -37.59 16.66 19.05
C ILE B 20 -38.27 16.53 20.40
N ASN B 21 -39.56 16.24 20.38
CA ASN B 21 -40.28 15.85 21.59
C ASN B 21 -39.87 14.45 22.04
N GLY B 22 -38.74 13.95 21.52
CA GLY B 22 -38.06 12.77 22.05
C GLY B 22 -38.59 11.41 21.59
N LYS B 23 -39.57 11.43 20.71
CA LYS B 23 -40.25 10.22 20.31
C LYS B 23 -39.54 9.56 19.14
N ASN B 24 -39.46 8.23 19.19
CA ASN B 24 -38.96 7.46 18.06
C ASN B 24 -39.86 7.68 16.83
N ALA B 25 -39.33 8.43 15.88
CA ALA B 25 -40.08 8.89 14.73
C ALA B 25 -39.79 8.05 13.49
N LEU B 26 -40.78 7.98 12.60
CA LEU B 26 -40.54 7.59 11.23
C LEU B 26 -40.91 8.79 10.35
N ILE B 27 -39.96 9.28 9.56
CA ILE B 27 -40.20 10.43 8.70
C ILE B 27 -40.54 9.96 7.28
N CYS B 28 -41.83 9.74 7.02
CA CYS B 28 -42.31 9.53 5.65
C CYS B 28 -42.51 10.91 4.99
N ALA B 29 -41.71 11.17 3.95
CA ALA B 29 -41.79 12.39 3.16
C ALA B 29 -41.13 12.12 1.81
N PRO B 30 -41.72 12.64 0.74
CA PRO B 30 -41.50 12.21 -0.63
C PRO B 30 -40.05 12.20 -1.07
N THR B 31 -39.75 11.37 -2.05
CA THR B 31 -38.40 11.25 -2.53
C THR B 31 -37.93 12.62 -3.00
N GLY B 32 -36.97 13.18 -2.27
CA GLY B 32 -36.31 14.43 -2.64
C GLY B 32 -36.61 15.61 -1.75
N SER B 33 -37.56 15.43 -0.84
CA SER B 33 -38.04 16.52 -0.02
C SER B 33 -37.02 17.06 0.96
N GLY B 34 -35.90 16.35 1.14
CA GLY B 34 -34.84 16.80 2.05
C GLY B 34 -34.95 16.21 3.46
N LYS B 35 -35.26 14.92 3.49
CA LYS B 35 -35.35 14.22 4.76
C LYS B 35 -34.00 14.29 5.49
N THR B 36 -32.90 14.23 4.72
CA THR B 36 -31.54 14.25 5.28
C THR B 36 -31.29 15.51 6.11
N PHE B 37 -31.86 16.64 5.67
CA PHE B 37 -31.76 17.89 6.40
C PHE B 37 -32.56 17.85 7.71
N VAL B 38 -33.78 17.33 7.60
CA VAL B 38 -34.62 17.11 8.78
C VAL B 38 -33.80 16.37 9.86
N SER B 39 -33.09 15.32 9.45
CA SER B 39 -32.36 14.48 10.38
C SER B 39 -31.20 15.21 11.05
N ILE B 40 -30.55 16.12 10.32
CA ILE B 40 -29.45 16.90 10.91
C ILE B 40 -30.12 17.94 11.81
N LEU B 41 -31.22 18.53 11.37
CA LEU B 41 -31.99 19.42 12.24
C LEU B 41 -32.38 18.69 13.53
N ILE B 42 -32.86 17.44 13.41
CA ILE B 42 -33.15 16.63 14.59
C ILE B 42 -31.90 16.52 15.45
N CYS B 43 -30.76 16.35 14.78
CA CYS B 43 -29.49 16.13 15.46
C CYS B 43 -29.04 17.33 16.29
N GLU B 44 -29.25 18.54 15.79
CA GLU B 44 -28.87 19.73 16.56
C GLU B 44 -29.73 19.73 17.82
N HIS B 45 -31.04 19.64 17.64
CA HIS B 45 -31.96 19.60 18.77
C HIS B 45 -31.83 18.37 19.62
N HIS B 46 -30.84 17.54 19.34
CA HIS B 46 -30.51 16.41 20.24
C HIS B 46 -29.37 16.81 21.14
N PHE B 47 -28.33 17.40 20.55
CA PHE B 47 -27.18 17.88 21.30
C PHE B 47 -27.61 19.05 22.20
N GLN B 48 -28.24 20.06 21.60
CA GLN B 48 -28.84 21.18 22.36
C GLN B 48 -29.46 20.70 23.65
N ASN B 49 -30.43 19.79 23.51
CA ASN B 49 -31.29 19.36 24.61
C ASN B 49 -30.70 18.33 25.56
N MET B 50 -29.52 17.78 25.25
CA MET B 50 -28.91 16.76 26.12
C MET B 50 -28.86 17.18 27.58
N PRO B 51 -29.49 16.39 28.47
CA PRO B 51 -29.49 16.71 29.89
C PRO B 51 -28.29 16.14 30.63
N ALA B 52 -28.00 16.73 31.79
CA ALA B 52 -26.94 16.29 32.71
C ALA B 52 -25.55 16.38 32.08
N GLY B 53 -24.62 15.59 32.62
CA GLY B 53 -23.28 15.46 32.06
C GLY B 53 -23.21 14.39 30.98
N ARG B 54 -24.10 13.41 31.04
CA ARG B 54 -24.18 12.37 30.01
C ARG B 54 -24.38 13.02 28.64
N LYS B 55 -23.48 12.73 27.69
CA LYS B 55 -23.53 13.36 26.35
C LYS B 55 -23.77 12.35 25.22
N ALA B 56 -23.84 12.87 24.00
CA ALA B 56 -24.52 12.23 22.88
C ALA B 56 -23.57 11.61 21.85
N LYS B 57 -23.85 10.36 21.48
CA LYS B 57 -23.29 9.78 20.28
C LYS B 57 -24.47 9.49 19.35
N VAL B 58 -24.34 9.94 18.11
CA VAL B 58 -25.34 9.74 17.08
C VAL B 58 -24.77 8.80 16.02
N VAL B 59 -25.53 7.79 15.63
CA VAL B 59 -25.12 6.97 14.51
C VAL B 59 -26.10 7.05 13.37
N PHE B 60 -25.59 7.43 12.21
CA PHE B 60 -26.37 7.45 10.98
C PHE B 60 -26.03 6.19 10.26
N LEU B 61 -27.05 5.46 9.82
CA LEU B 61 -26.83 4.21 9.12
C LEU B 61 -27.30 4.35 7.67
N ALA B 62 -26.45 3.97 6.71
CA ALA B 62 -26.82 4.02 5.29
C ALA B 62 -26.51 2.69 4.60
N THR B 63 -27.48 2.22 3.83
CA THR B 63 -27.52 0.85 3.31
C THR B 63 -26.44 0.49 2.32
N LYS B 64 -26.32 1.24 1.23
CA LYS B 64 -25.27 0.94 0.26
C LYS B 64 -24.15 1.99 0.34
N VAL B 65 -22.96 1.60 -0.13
CA VAL B 65 -21.73 2.38 0.02
C VAL B 65 -21.85 3.82 -0.48
N PRO B 66 -22.19 4.02 -1.77
CA PRO B 66 -22.24 5.42 -2.23
C PRO B 66 -23.17 6.31 -1.44
N VAL B 67 -24.27 5.76 -0.93
CA VAL B 67 -25.18 6.54 -0.08
C VAL B 67 -24.53 6.76 1.28
N TYR B 68 -23.73 5.82 1.74
CA TYR B 68 -22.95 6.04 2.97
C TYR B 68 -22.00 7.19 2.75
N GLU B 69 -21.34 7.19 1.61
CA GLU B 69 -20.35 8.20 1.30
C GLU B 69 -21.04 9.56 1.22
N GLN B 70 -22.05 9.65 0.37
CA GLN B 70 -22.82 10.88 0.18
C GLN B 70 -23.26 11.51 1.49
N GLN B 71 -23.95 10.73 2.31
CA GLN B 71 -24.49 11.25 3.55
C GLN B 71 -23.36 11.54 4.54
N LYS B 72 -22.34 10.70 4.57
CA LYS B 72 -21.17 10.96 5.41
C LYS B 72 -20.65 12.34 5.12
N ASN B 73 -20.58 12.71 3.85
CA ASN B 73 -20.00 13.99 3.48
C ASN B 73 -20.88 15.19 3.79
N VAL B 74 -22.20 15.04 3.66
CA VAL B 74 -23.11 16.10 4.09
C VAL B 74 -22.90 16.38 5.57
N PHE B 75 -22.99 15.32 6.36
CA PHE B 75 -22.87 15.39 7.81
C PHE B 75 -21.55 16.02 8.29
N LYS B 76 -20.44 15.80 7.57
CA LYS B 76 -19.16 16.43 7.90
C LYS B 76 -19.19 17.94 7.61
N HIS B 77 -19.58 18.26 6.38
CA HIS B 77 -19.70 19.64 5.95
C HIS B 77 -20.62 20.47 6.81
N HIS B 78 -21.46 19.85 7.64
CA HIS B 78 -22.39 20.62 8.43
C HIS B 78 -22.03 20.69 9.86
N PHE B 79 -21.44 19.63 10.40
CA PHE B 79 -21.18 19.55 11.83
C PHE B 79 -19.72 19.74 12.19
N GLU B 80 -18.82 19.54 11.24
CA GLU B 80 -17.42 19.68 11.55
C GLU B 80 -17.13 21.14 11.88
N ARG B 81 -17.59 22.05 11.03
CA ARG B 81 -17.46 23.49 11.31
C ARG B 81 -18.08 23.90 12.64
N GLN B 82 -19.12 23.18 13.10
CA GLN B 82 -19.66 23.42 14.45
C GLN B 82 -18.72 22.91 15.54
N GLY B 83 -17.77 22.09 15.15
CA GLY B 83 -16.78 21.56 16.06
C GLY B 83 -17.24 20.24 16.58
N TYR B 84 -17.73 19.39 15.68
CA TYR B 84 -18.07 18.02 16.04
C TYR B 84 -17.06 17.08 15.40
N SER B 85 -16.87 15.92 16.02
CA SER B 85 -16.11 14.85 15.42
C SER B 85 -17.09 14.01 14.63
N VAL B 86 -16.93 14.00 13.32
CA VAL B 86 -17.77 13.21 12.40
C VAL B 86 -16.89 12.20 11.67
N GLN B 87 -17.03 10.92 11.99
CA GLN B 87 -16.19 9.89 11.40
C GLN B 87 -17.02 8.77 10.80
N GLY B 88 -16.57 8.26 9.65
CA GLY B 88 -17.31 7.24 8.90
C GLY B 88 -16.62 5.88 8.86
N ILE B 89 -17.15 4.93 9.62
CA ILE B 89 -16.71 3.52 9.52
C ILE B 89 -17.54 2.79 8.45
N SER B 90 -16.95 1.78 7.82
CA SER B 90 -17.47 1.28 6.55
C SER B 90 -16.79 -0.02 6.13
N GLY B 91 -17.17 -0.54 4.97
CA GLY B 91 -16.53 -1.73 4.42
C GLY B 91 -15.04 -1.58 4.22
N GLU B 92 -14.61 -0.40 3.77
CA GLU B 92 -13.17 -0.10 3.65
C GLU B 92 -12.50 0.02 5.02
N ASN B 93 -13.13 0.72 5.95
CA ASN B 93 -12.50 1.09 7.22
C ASN B 93 -12.42 0.00 8.27
N PHE B 94 -13.17 -1.07 8.11
CA PHE B 94 -13.49 -1.93 9.24
C PHE B 94 -12.29 -2.66 9.82
N SER B 95 -11.47 -3.25 8.95
CA SER B 95 -10.28 -4.00 9.39
C SER B 95 -9.04 -3.10 9.42
N ASN B 96 -9.28 -1.81 9.56
CA ASN B 96 -8.23 -0.81 9.74
C ASN B 96 -8.41 -0.02 11.04
N VAL B 97 -9.57 -0.17 11.69
CA VAL B 97 -9.91 0.61 12.87
C VAL B 97 -10.63 -0.23 13.89
N SER B 98 -10.38 0.04 15.17
CA SER B 98 -11.21 -0.51 16.24
C SER B 98 -12.41 0.39 16.45
N VAL B 99 -13.59 -0.19 16.27
CA VAL B 99 -14.87 0.54 16.40
C VAL B 99 -14.99 1.18 17.78
N GLU B 100 -14.48 0.45 18.78
CA GLU B 100 -14.40 0.94 20.15
C GLU B 100 -14.11 2.44 20.18
N LYS B 101 -12.97 2.79 19.59
CA LYS B 101 -12.41 4.12 19.72
C LYS B 101 -13.21 5.09 18.90
N VAL B 102 -13.34 4.80 17.61
CA VAL B 102 -14.00 5.69 16.66
C VAL B 102 -15.33 6.24 17.19
N ILE B 103 -16.09 5.41 17.91
CA ILE B 103 -17.32 5.90 18.56
C ILE B 103 -16.98 6.90 19.64
N GLU B 104 -16.09 6.51 20.55
CA GLU B 104 -15.75 7.34 21.70
C GLU B 104 -14.96 8.59 21.29
N ASP B 105 -14.40 8.58 20.08
CA ASP B 105 -13.81 9.79 19.46
C ASP B 105 -14.87 10.64 18.75
N SER B 106 -15.91 9.98 18.25
CA SER B 106 -16.87 10.62 17.37
C SER B 106 -18.12 11.09 18.07
N ASP B 107 -18.57 12.28 17.71
CA ASP B 107 -19.90 12.73 18.13
C ASP B 107 -20.94 12.13 17.17
N ILE B 108 -20.55 11.95 15.92
CA ILE B 108 -21.41 11.38 14.89
C ILE B 108 -20.64 10.32 14.09
N ILE B 109 -21.18 9.11 14.04
CA ILE B 109 -20.63 8.07 13.18
C ILE B 109 -21.62 7.79 12.07
N VAL B 110 -21.19 7.96 10.83
CA VAL B 110 -21.95 7.43 9.71
C VAL B 110 -21.47 5.97 9.52
N VAL B 111 -22.38 5.08 9.14
CA VAL B 111 -22.05 3.64 9.10
C VAL B 111 -22.81 2.82 8.03
N THR B 112 -22.10 1.86 7.46
CA THR B 112 -22.73 0.79 6.73
C THR B 112 -23.32 -0.08 7.85
N PRO B 113 -24.56 -0.56 7.66
CA PRO B 113 -25.27 -1.10 8.82
C PRO B 113 -24.56 -2.32 9.34
N GLN B 114 -23.99 -3.09 8.40
CA GLN B 114 -23.35 -4.36 8.66
C GLN B 114 -22.26 -4.24 9.72
N ILE B 115 -21.55 -3.11 9.70
CA ILE B 115 -20.42 -2.92 10.58
C ILE B 115 -20.82 -3.05 12.03
N LEU B 116 -21.93 -2.43 12.40
CA LEU B 116 -22.37 -2.53 13.79
C LEU B 116 -22.75 -3.97 14.10
N VAL B 117 -23.53 -4.59 13.22
CA VAL B 117 -23.78 -6.03 13.31
C VAL B 117 -22.44 -6.72 13.46
N ASN B 118 -21.61 -6.64 12.41
CA ASN B 118 -20.28 -7.20 12.46
C ASN B 118 -19.69 -7.06 13.86
N SER B 119 -19.48 -5.82 14.32
CA SER B 119 -18.75 -5.61 15.57
C SER B 119 -19.54 -6.08 16.82
N PHE B 120 -20.82 -6.40 16.65
CA PHE B 120 -21.61 -6.93 17.76
C PHE B 120 -21.27 -8.40 18.02
N GLU B 121 -21.28 -9.22 16.97
CA GLU B 121 -20.85 -10.62 17.07
C GLU B 121 -19.35 -10.68 17.33
N ASP B 122 -18.63 -9.73 16.75
CA ASP B 122 -17.19 -9.57 16.90
C ASP B 122 -16.74 -9.37 18.34
N GLY B 123 -17.68 -9.18 19.25
CA GLY B 123 -17.35 -8.94 20.63
C GLY B 123 -17.08 -7.47 20.87
N THR B 124 -16.53 -6.75 19.90
CA THR B 124 -16.11 -5.35 20.12
C THR B 124 -17.15 -4.50 20.85
N LEU B 125 -18.41 -4.97 20.86
CA LEU B 125 -19.53 -4.13 21.26
C LEU B 125 -20.69 -4.98 21.79
N THR B 126 -21.17 -4.70 23.00
CA THR B 126 -22.36 -5.39 23.55
C THR B 126 -23.23 -4.47 24.40
N SER B 127 -23.70 -3.39 23.78
CA SER B 127 -24.70 -2.49 24.38
C SER B 127 -25.05 -1.43 23.33
N LEU B 128 -26.28 -1.41 22.85
CA LEU B 128 -26.70 -0.33 21.93
C LEU B 128 -26.78 0.97 22.72
N SER B 129 -26.79 0.86 24.04
CA SER B 129 -26.71 2.00 24.96
C SER B 129 -25.62 3.02 24.65
N ILE B 130 -24.57 2.59 23.94
CA ILE B 130 -23.42 3.45 23.62
C ILE B 130 -23.80 4.72 22.87
N PHE B 131 -24.84 4.65 22.01
CA PHE B 131 -25.40 5.83 21.31
C PHE B 131 -26.62 6.39 22.01
N THR B 132 -26.94 7.65 21.69
CA THR B 132 -28.15 8.32 22.18
C THR B 132 -29.19 8.67 21.10
N LEU B 133 -28.85 8.41 19.84
CA LEU B 133 -29.75 8.59 18.70
C LEU B 133 -29.25 7.76 17.50
N MET B 134 -30.12 6.95 16.92
CA MET B 134 -29.78 6.24 15.68
C MET B 134 -30.67 6.71 14.56
N ILE B 135 -30.12 6.78 13.35
CA ILE B 135 -30.86 7.25 12.19
C ILE B 135 -30.69 6.21 11.08
N PHE B 136 -31.80 5.76 10.52
CA PHE B 136 -31.76 4.75 9.45
C PHE B 136 -32.18 5.36 8.11
N ASP B 137 -31.25 5.60 7.18
CA ASP B 137 -31.65 6.20 5.89
C ASP B 137 -32.20 5.07 5.02
N GLU B 138 -33.29 5.40 4.32
CA GLU B 138 -34.05 4.42 3.56
C GLU B 138 -34.37 3.29 4.54
N CYS B 139 -35.04 3.67 5.62
CA CYS B 139 -35.28 2.80 6.77
C CYS B 139 -36.20 1.64 6.48
N HIS B 140 -36.93 1.76 5.39
CA HIS B 140 -37.88 0.73 4.98
C HIS B 140 -37.25 -0.59 4.71
N ASN B 141 -35.91 -0.63 4.63
CA ASN B 141 -35.17 -1.88 4.45
C ASN B 141 -35.15 -2.81 5.68
N THR B 142 -35.76 -2.37 6.77
CA THR B 142 -35.90 -3.14 8.00
C THR B 142 -36.87 -4.32 7.80
N THR B 143 -36.35 -5.45 7.28
CA THR B 143 -37.11 -6.68 7.06
C THR B 143 -36.28 -7.88 7.46
N GLY B 144 -36.95 -8.92 7.95
CA GLY B 144 -36.29 -10.21 8.17
C GLY B 144 -34.90 -10.11 8.79
N ASN B 145 -33.90 -10.60 8.05
CA ASN B 145 -32.54 -10.67 8.57
C ASN B 145 -31.54 -9.70 7.90
N HIS B 146 -32.10 -8.70 7.23
CA HIS B 146 -31.35 -7.51 6.89
C HIS B 146 -30.79 -6.87 8.14
N PRO B 147 -29.54 -6.38 8.06
CA PRO B 147 -28.81 -5.72 9.12
C PRO B 147 -29.58 -4.75 9.99
N TYR B 148 -30.41 -3.94 9.38
CA TYR B 148 -31.24 -3.02 10.14
C TYR B 148 -32.08 -3.77 11.17
N ASN B 149 -32.71 -4.87 10.75
CA ASN B 149 -33.60 -5.58 11.66
C ASN B 149 -32.83 -6.36 12.71
N VAL B 150 -31.70 -6.93 12.28
CA VAL B 150 -30.78 -7.64 13.16
C VAL B 150 -30.43 -6.75 14.33
N LEU B 151 -30.00 -5.54 14.01
CA LEU B 151 -29.70 -4.52 15.02
C LEU B 151 -30.96 -4.15 15.80
N MET B 152 -32.05 -3.94 15.09
CA MET B 152 -33.29 -3.59 15.76
C MET B 152 -33.84 -4.71 16.66
N THR B 153 -33.68 -5.95 16.25
CA THR B 153 -34.03 -7.08 17.12
C THR B 153 -33.29 -6.86 18.44
N ARG B 154 -31.98 -6.70 18.31
CA ARG B 154 -31.12 -6.45 19.44
C ARG B 154 -31.64 -5.31 20.30
N TYR B 155 -31.93 -4.18 19.68
CA TYR B 155 -32.51 -3.03 20.39
C TYR B 155 -33.72 -3.43 21.22
N LEU B 156 -34.59 -4.24 20.61
CA LEU B 156 -35.86 -4.60 21.23
C LEU B 156 -35.64 -5.53 22.43
N GLU B 157 -34.73 -6.49 22.29
CA GLU B 157 -34.38 -7.33 23.43
C GLU B 157 -33.89 -6.48 24.58
N GLN B 158 -32.88 -5.67 24.34
CA GLN B 158 -32.35 -4.82 25.41
C GLN B 158 -33.42 -4.01 26.12
N LYS B 159 -34.50 -3.66 25.42
CA LYS B 159 -35.56 -2.85 26.00
C LYS B 159 -36.15 -3.51 27.25
N PHE B 160 -36.39 -4.82 27.17
CA PHE B 160 -36.91 -5.59 28.31
C PHE B 160 -35.80 -6.08 29.23
N ASN B 161 -34.68 -6.51 28.64
CA ASN B 161 -33.57 -7.10 29.39
C ASN B 161 -32.78 -6.16 30.30
N SER B 162 -33.05 -4.87 30.23
CA SER B 162 -32.45 -3.94 31.18
C SER B 162 -33.37 -2.80 31.59
N ALA B 163 -34.23 -2.36 30.68
CA ALA B 163 -34.98 -1.13 30.84
C ALA B 163 -34.08 0.04 31.32
N SER B 164 -32.84 0.07 30.83
CA SER B 164 -31.88 1.15 31.14
C SER B 164 -31.37 1.80 29.83
N GLN B 165 -31.57 3.12 29.77
CA GLN B 165 -31.68 3.91 28.52
C GLN B 165 -31.05 3.41 27.23
N LEU B 166 -31.91 3.33 26.20
CA LEU B 166 -31.55 3.00 24.83
C LEU B 166 -31.52 4.29 24.00
N PRO B 167 -30.99 4.23 22.77
CA PRO B 167 -31.02 5.44 21.95
C PRO B 167 -32.40 5.70 21.38
N GLN B 168 -32.62 6.95 21.03
CA GLN B 168 -33.81 7.32 20.29
C GLN B 168 -33.60 6.82 18.87
N ILE B 169 -34.67 6.35 18.24
CA ILE B 169 -34.59 5.84 16.87
C ILE B 169 -35.18 6.84 15.91
N LEU B 170 -34.71 6.81 14.67
CA LEU B 170 -35.27 7.65 13.62
C LEU B 170 -35.19 6.95 12.28
N GLY B 171 -36.34 6.82 11.63
CA GLY B 171 -36.40 6.23 10.30
C GLY B 171 -36.68 7.32 9.30
N LEU B 172 -35.82 7.42 8.29
CA LEU B 172 -36.09 8.30 7.18
C LEU B 172 -36.54 7.36 6.07
N THR B 173 -37.59 7.73 5.35
CA THR B 173 -37.99 6.94 4.17
C THR B 173 -39.00 7.71 3.34
N ALA B 174 -38.89 7.58 2.02
CA ALA B 174 -39.90 8.14 1.13
C ALA B 174 -40.81 7.04 0.55
N SER B 175 -40.71 5.84 1.13
CA SER B 175 -41.37 4.67 0.58
C SER B 175 -41.59 3.63 1.67
N VAL B 176 -42.65 3.80 2.43
CA VAL B 176 -42.93 2.90 3.56
C VAL B 176 -43.30 1.48 3.10
N GLY B 177 -43.70 1.32 1.84
CA GLY B 177 -43.96 0.00 1.28
C GLY B 177 -45.37 -0.49 1.55
N VAL B 178 -45.65 -1.72 1.12
CA VAL B 178 -47.02 -2.23 1.13
C VAL B 178 -47.14 -3.74 1.33
N GLY B 179 -46.14 -4.38 1.92
CA GLY B 179 -46.17 -5.83 2.21
C GLY B 179 -46.76 -6.62 1.06
N ASN B 180 -47.61 -7.60 1.35
CA ASN B 180 -48.47 -8.21 0.33
C ASN B 180 -49.90 -7.64 0.32
N ALA B 181 -50.13 -6.62 1.16
CA ALA B 181 -51.44 -5.99 1.29
C ALA B 181 -52.13 -5.78 -0.06
N LYS B 182 -53.27 -6.46 -0.26
CA LYS B 182 -54.09 -6.26 -1.44
C LYS B 182 -55.23 -5.25 -1.13
N ASN B 183 -55.50 -5.02 0.14
CA ASN B 183 -56.50 -4.04 0.57
C ASN B 183 -55.90 -3.02 1.52
N ILE B 184 -56.51 -1.84 1.60
CA ILE B 184 -56.00 -0.74 2.44
C ILE B 184 -55.86 -1.17 3.90
N GLU B 185 -56.73 -2.05 4.33
CA GLU B 185 -56.68 -2.55 5.70
C GLU B 185 -55.41 -3.34 5.96
N GLU B 186 -54.94 -4.09 4.96
CA GLU B 186 -53.70 -4.88 5.10
C GLU B 186 -52.45 -4.00 5.01
N THR B 187 -52.48 -3.08 4.04
CA THR B 187 -51.43 -2.07 3.89
C THR B 187 -51.15 -1.39 5.21
N ILE B 188 -52.19 -1.07 5.97
CA ILE B 188 -52.02 -0.52 7.31
C ILE B 188 -51.39 -1.52 8.28
N GLU B 189 -51.73 -2.80 8.14
CA GLU B 189 -51.13 -3.81 9.00
C GLU B 189 -49.64 -3.87 8.71
N HIS B 190 -49.29 -3.67 7.43
CA HIS B 190 -47.89 -3.74 7.00
C HIS B 190 -47.07 -2.55 7.44
N ILE B 191 -47.62 -1.37 7.26
CA ILE B 191 -46.97 -0.15 7.72
C ILE B 191 -46.76 -0.21 9.22
N CYS B 192 -47.80 -0.62 9.93
CA CYS B 192 -47.73 -0.71 11.38
C CYS B 192 -46.74 -1.78 11.82
N SER B 193 -46.68 -2.84 11.05
CA SER B 193 -45.65 -3.82 11.26
C SER B 193 -44.28 -3.13 11.22
N LEU B 194 -44.00 -2.37 10.15
CA LEU B 194 -42.69 -1.74 9.96
C LEU B 194 -42.36 -0.83 11.11
N CYS B 195 -43.36 -0.08 11.57
CA CYS B 195 -43.18 0.84 12.67
C CYS B 195 -42.79 0.11 13.93
N SER B 196 -43.29 -1.11 14.08
CA SER B 196 -42.92 -1.95 15.22
C SER B 196 -41.44 -2.35 15.15
N TYR B 197 -41.03 -2.89 14.02
CA TYR B 197 -39.66 -3.37 13.88
C TYR B 197 -38.65 -2.30 14.33
N LEU B 198 -38.90 -1.04 13.97
CA LEU B 198 -38.02 0.09 14.29
C LEU B 198 -38.51 0.84 15.52
N ASP B 199 -39.46 0.25 16.25
CA ASP B 199 -40.00 0.80 17.51
C ASP B 199 -40.52 2.24 17.44
N ILE B 200 -41.31 2.50 16.41
CA ILE B 200 -41.86 3.84 16.22
C ILE B 200 -42.98 4.15 17.21
N GLN B 201 -43.02 5.41 17.63
CA GLN B 201 -44.07 5.90 18.50
C GLN B 201 -44.83 7.04 17.83
N ALA B 202 -44.26 7.60 16.76
CA ALA B 202 -44.97 8.58 15.94
C ALA B 202 -44.48 8.47 14.49
N ILE B 203 -45.40 8.63 13.55
CA ILE B 203 -45.10 8.73 12.13
C ILE B 203 -45.18 10.20 11.78
N SER B 204 -44.16 10.72 11.09
CA SER B 204 -44.17 12.14 10.67
C SER B 204 -44.55 12.28 9.20
N THR B 205 -45.46 13.20 8.93
CA THR B 205 -46.07 13.41 7.62
C THR B 205 -45.98 14.90 7.40
N VAL B 206 -45.94 15.40 6.16
CA VAL B 206 -46.21 16.83 5.97
C VAL B 206 -47.72 17.00 6.06
N ARG B 207 -48.20 17.22 7.29
CA ARG B 207 -49.63 17.35 7.54
C ARG B 207 -50.08 18.76 7.17
N GLU B 208 -49.60 19.75 7.90
CA GLU B 208 -50.14 21.10 7.85
C GLU B 208 -49.57 21.96 6.70
N ASN B 209 -48.36 21.65 6.25
CA ASN B 209 -47.64 22.46 5.25
C ASN B 209 -47.54 21.83 3.85
N ILE B 210 -48.64 21.20 3.40
CA ILE B 210 -48.62 20.47 2.13
C ILE B 210 -48.26 21.37 0.95
N GLN B 211 -48.81 22.59 0.95
CA GLN B 211 -48.70 23.48 -0.21
C GLN B 211 -47.23 23.80 -0.48
N GLU B 212 -46.49 24.09 0.58
CA GLU B 212 -45.05 24.30 0.49
C GLU B 212 -44.31 23.10 -0.08
N LEU B 213 -44.74 21.92 0.31
CA LEU B 213 -44.08 20.69 -0.12
C LEU B 213 -44.27 20.44 -1.60
N GLN B 214 -45.44 20.75 -2.15
CA GLN B 214 -45.70 20.45 -3.55
C GLN B 214 -44.87 21.33 -4.47
N ARG B 215 -44.53 22.53 -4.00
CA ARG B 215 -43.51 23.33 -4.67
C ARG B 215 -42.24 22.52 -4.84
N PHE B 216 -41.49 22.37 -3.75
CA PHE B 216 -40.09 21.98 -3.83
C PHE B 216 -39.87 20.68 -4.61
N MET B 217 -40.58 19.60 -4.27
CA MET B 217 -40.51 18.37 -5.06
C MET B 217 -41.84 17.93 -5.63
N ASN B 218 -41.90 17.93 -6.96
CA ASN B 218 -43.01 17.39 -7.72
C ASN B 218 -42.51 16.25 -8.63
N LYS B 219 -43.28 15.17 -8.63
CA LYS B 219 -42.97 13.95 -9.36
C LYS B 219 -44.06 13.64 -10.39
N PRO B 220 -43.68 12.97 -11.49
CA PRO B 220 -44.57 12.83 -12.61
C PRO B 220 -45.12 11.40 -12.73
N GLU B 221 -45.24 10.94 -13.97
CA GLU B 221 -45.68 9.60 -14.34
C GLU B 221 -44.44 8.73 -14.57
N ILE B 222 -44.61 7.40 -14.67
CA ILE B 222 -43.58 6.50 -15.20
C ILE B 222 -43.93 6.13 -16.66
N ASP B 223 -43.52 6.96 -17.62
CA ASP B 223 -43.73 6.71 -19.05
C ASP B 223 -43.31 5.28 -19.45
N VAL B 224 -44.28 4.38 -19.50
CA VAL B 224 -44.04 2.99 -19.87
C VAL B 224 -44.01 2.87 -21.39
N ARG B 225 -43.03 2.14 -21.92
CA ARG B 225 -42.94 1.93 -23.36
C ARG B 225 -42.70 0.45 -23.68
N LEU B 226 -43.72 -0.17 -24.29
CA LEU B 226 -43.63 -1.55 -24.76
C LEU B 226 -43.12 -1.57 -26.20
N VAL B 227 -42.12 -2.40 -26.49
CA VAL B 227 -41.67 -2.60 -27.85
C VAL B 227 -41.79 -4.07 -28.14
N LYS B 228 -42.40 -4.42 -29.27
CA LYS B 228 -42.61 -5.84 -29.58
C LYS B 228 -41.32 -6.45 -30.10
N ARG B 229 -41.06 -7.69 -29.67
CA ARG B 229 -39.88 -8.42 -30.10
C ARG B 229 -39.79 -8.39 -31.61
N ARG B 230 -38.59 -8.14 -32.15
CA ARG B 230 -38.46 -8.01 -33.61
C ARG B 230 -38.79 -9.32 -34.31
N ILE B 231 -39.95 -9.33 -34.97
CA ILE B 231 -40.34 -10.41 -35.87
C ILE B 231 -39.19 -10.77 -36.82
N HIS B 232 -39.08 -12.06 -37.13
CA HIS B 232 -37.96 -12.60 -37.90
C HIS B 232 -36.65 -12.42 -37.14
N ASN B 233 -36.42 -13.32 -36.18
CA ASN B 233 -35.18 -13.38 -35.43
C ASN B 233 -34.41 -14.65 -35.81
N PRO B 234 -33.47 -14.54 -36.74
CA PRO B 234 -32.67 -15.69 -37.13
C PRO B 234 -31.78 -16.20 -36.00
N PHE B 235 -31.08 -15.28 -35.34
CA PHE B 235 -30.12 -15.63 -34.31
C PHE B 235 -30.69 -16.50 -33.19
N ALA B 236 -31.91 -16.23 -32.78
CA ALA B 236 -32.58 -17.05 -31.77
C ALA B 236 -32.73 -18.51 -32.22
N ALA B 237 -33.13 -18.69 -33.47
CA ALA B 237 -33.31 -20.01 -34.07
C ALA B 237 -32.00 -20.79 -34.16
N ILE B 238 -30.97 -20.13 -34.66
CA ILE B 238 -29.69 -20.78 -34.95
C ILE B 238 -29.08 -21.38 -33.69
N ILE B 239 -29.03 -20.60 -32.61
CA ILE B 239 -28.47 -21.08 -31.34
C ILE B 239 -29.34 -22.21 -30.77
N SER B 240 -30.66 -22.01 -30.73
CA SER B 240 -31.58 -23.01 -30.19
C SER B 240 -31.40 -24.38 -30.84
N ASN B 241 -31.15 -24.39 -32.14
CA ASN B 241 -30.88 -25.63 -32.87
C ASN B 241 -29.53 -26.24 -32.50
N LEU B 242 -28.52 -25.37 -32.38
CA LEU B 242 -27.19 -25.79 -31.97
C LEU B 242 -27.21 -26.29 -30.52
N MET B 243 -28.22 -25.88 -29.76
CA MET B 243 -28.45 -26.40 -28.42
C MET B 243 -29.22 -27.72 -28.48
N SER B 244 -30.19 -27.79 -29.39
CA SER B 244 -31.01 -29.00 -29.58
C SER B 244 -30.15 -30.21 -29.94
N GLU B 245 -29.17 -30.00 -30.81
CA GLU B 245 -28.24 -31.05 -31.21
C GLU B 245 -27.37 -31.48 -30.02
N THR B 246 -27.05 -30.53 -29.14
CA THR B 246 -26.29 -30.80 -27.93
C THR B 246 -27.15 -31.46 -26.83
N GLU B 247 -28.45 -31.16 -26.82
CA GLU B 247 -29.40 -31.88 -25.96
C GLU B 247 -29.70 -33.28 -26.49
N ALA B 248 -29.73 -33.42 -27.82
CA ALA B 248 -29.90 -34.73 -28.45
C ALA B 248 -28.75 -35.65 -28.08
N LEU B 249 -27.53 -35.11 -28.07
CA LEU B 249 -26.32 -35.86 -27.73
C LEU B 249 -26.20 -36.21 -26.25
N MET B 250 -26.92 -35.49 -25.39
CA MET B 250 -26.92 -35.78 -23.96
C MET B 250 -27.58 -37.12 -23.63
N ARG B 251 -28.73 -37.40 -24.24
CA ARG B 251 -29.40 -38.70 -24.11
C ARG B 251 -28.46 -39.85 -24.48
N THR B 252 -27.63 -39.61 -25.49
CA THR B 252 -26.69 -40.59 -26.03
C THR B 252 -25.50 -40.87 -25.11
N ILE B 253 -25.59 -40.49 -23.84
CA ILE B 253 -24.56 -40.80 -22.87
C ILE B 253 -25.17 -41.08 -21.49
N TYR B 254 -26.16 -40.29 -21.10
CA TYR B 254 -26.77 -40.35 -19.76
C TYR B 254 -28.22 -40.86 -19.76
N SER B 255 -28.54 -41.66 -18.74
CA SER B 255 -29.88 -42.24 -18.57
C SER B 255 -30.80 -41.30 -17.79
N PHE B 267 -35.83 -22.53 -23.70
CA PHE B 267 -34.40 -22.43 -24.03
C PHE B 267 -33.73 -21.23 -23.38
N GLY B 268 -34.00 -20.02 -23.89
CA GLY B 268 -33.36 -18.79 -23.36
C GLY B 268 -33.93 -18.25 -22.05
N THR B 269 -34.20 -19.16 -21.11
CA THR B 269 -34.96 -18.86 -19.88
C THR B 269 -34.06 -19.09 -18.66
N GLN B 270 -34.49 -18.58 -17.50
CA GLN B 270 -33.85 -18.85 -16.21
C GLN B 270 -33.82 -20.35 -15.96
N ASN B 271 -34.97 -20.99 -16.18
CA ASN B 271 -35.15 -22.42 -15.92
C ASN B 271 -34.10 -23.31 -16.58
N TYR B 272 -33.66 -22.93 -17.78
CA TYR B 272 -32.65 -23.71 -18.49
C TYR B 272 -31.33 -23.72 -17.71
N GLU B 273 -30.99 -22.57 -17.11
CA GLU B 273 -29.81 -22.44 -16.25
C GLU B 273 -29.95 -23.30 -14.99
N HIS B 274 -31.15 -23.25 -14.39
CA HIS B 274 -31.49 -24.04 -13.20
C HIS B 274 -31.37 -25.50 -13.47
N TRP B 275 -31.89 -25.93 -14.63
CA TRP B 275 -31.82 -27.33 -15.06
C TRP B 275 -30.41 -27.79 -15.39
N ILE B 276 -29.57 -26.89 -15.90
CA ILE B 276 -28.17 -27.23 -16.15
C ILE B 276 -27.41 -27.47 -14.83
N VAL B 277 -27.80 -26.78 -13.77
CA VAL B 277 -27.18 -27.01 -12.47
C VAL B 277 -27.77 -28.26 -11.79
N VAL B 278 -29.03 -28.59 -12.11
CA VAL B 278 -29.64 -29.86 -11.67
C VAL B 278 -28.78 -31.00 -12.20
N THR B 279 -28.43 -30.92 -13.49
CA THR B 279 -27.70 -31.96 -14.19
C THR B 279 -26.18 -31.95 -13.89
N GLN B 280 -25.64 -30.83 -13.41
CA GLN B 280 -24.22 -30.76 -13.06
C GLN B 280 -23.91 -31.30 -11.66
N ARG B 281 -24.90 -31.26 -10.77
CA ARG B 281 -24.75 -31.79 -9.41
C ARG B 281 -24.98 -33.31 -9.36
N LYS B 282 -25.93 -33.79 -10.15
CA LYS B 282 -26.27 -35.23 -10.22
C LYS B 282 -25.06 -36.09 -10.63
N CYS B 283 -24.27 -35.60 -11.58
CA CYS B 283 -23.09 -36.31 -12.07
C CYS B 283 -21.87 -36.13 -11.17
N ARG B 284 -21.96 -35.17 -10.24
CA ARG B 284 -20.92 -34.98 -9.24
C ARG B 284 -21.32 -35.70 -7.96
N SER B 295 -16.22 -42.22 -14.92
CA SER B 295 -15.36 -41.04 -14.88
C SER B 295 -15.22 -40.38 -16.26
N ARG B 296 -15.37 -41.16 -17.33
CA ARG B 296 -15.37 -40.62 -18.69
C ARG B 296 -16.74 -40.09 -19.09
N ILE B 297 -17.80 -40.71 -18.57
CA ILE B 297 -19.16 -40.19 -18.74
C ILE B 297 -19.40 -38.98 -17.82
N CYS B 298 -18.68 -38.92 -16.70
CA CYS B 298 -18.78 -37.82 -15.72
C CYS B 298 -18.39 -36.47 -16.33
N ARG B 299 -17.14 -36.37 -16.79
CA ARG B 299 -16.63 -35.13 -17.41
C ARG B 299 -16.99 -35.01 -18.90
N ALA B 300 -17.90 -35.87 -19.35
CA ALA B 300 -18.56 -35.71 -20.65
C ALA B 300 -19.71 -34.72 -20.52
N LEU B 301 -20.42 -34.78 -19.40
CA LEU B 301 -21.54 -33.88 -19.15
C LEU B 301 -21.10 -32.49 -18.63
N PHE B 302 -19.90 -32.40 -18.06
CA PHE B 302 -19.33 -31.10 -17.70
C PHE B 302 -18.79 -30.39 -18.95
N ILE B 303 -18.92 -31.04 -20.10
CA ILE B 303 -18.65 -30.43 -21.41
C ILE B 303 -19.95 -30.13 -22.15
N CYS B 304 -20.92 -31.02 -22.03
CA CYS B 304 -22.26 -30.81 -22.61
C CYS B 304 -22.99 -29.64 -21.93
N THR B 305 -22.98 -29.62 -20.59
CA THR B 305 -23.74 -28.63 -19.82
C THR B 305 -23.20 -27.22 -19.99
N GLU B 306 -21.87 -27.08 -20.03
CA GLU B 306 -21.22 -25.78 -20.17
C GLU B 306 -21.56 -25.12 -21.49
N HIS B 307 -21.36 -25.85 -22.59
CA HIS B 307 -21.68 -25.31 -23.91
C HIS B 307 -23.13 -24.94 -24.02
N LEU B 308 -24.02 -25.76 -23.49
CA LEU B 308 -25.45 -25.42 -23.42
C LEU B 308 -25.70 -24.17 -22.58
N ARG B 309 -24.94 -24.02 -21.49
CA ARG B 309 -25.05 -22.87 -20.59
C ARG B 309 -24.58 -21.56 -21.24
N LYS B 310 -23.44 -21.63 -21.92
CA LYS B 310 -22.86 -20.43 -22.54
C LYS B 310 -23.57 -20.08 -23.87
N TYR B 311 -24.25 -21.06 -24.45
CA TYR B 311 -25.20 -20.77 -25.51
C TYR B 311 -26.42 -20.05 -24.91
N ASN B 312 -26.92 -20.60 -23.81
CA ASN B 312 -28.08 -20.04 -23.10
C ASN B 312 -27.83 -18.59 -22.72
N ASP B 313 -26.69 -18.35 -22.06
CA ASP B 313 -26.28 -17.00 -21.67
C ASP B 313 -26.20 -16.10 -22.89
N ALA B 314 -25.76 -16.66 -24.01
CA ALA B 314 -25.63 -15.92 -25.28
C ALA B 314 -26.97 -15.49 -25.88
N LEU B 315 -27.99 -16.34 -25.71
CA LEU B 315 -29.36 -16.00 -26.13
C LEU B 315 -29.86 -14.81 -25.31
N ILE B 316 -29.77 -15.00 -23.99
CA ILE B 316 -30.30 -14.08 -23.00
C ILE B 316 -29.47 -12.79 -22.90
N ILE B 317 -28.26 -12.82 -23.42
CA ILE B 317 -27.47 -11.60 -23.59
C ILE B 317 -27.95 -10.79 -24.80
N SER B 318 -28.36 -11.47 -25.86
CA SER B 318 -28.95 -10.80 -27.02
C SER B 318 -30.35 -10.32 -26.75
N GLU B 319 -31.03 -10.99 -25.82
CA GLU B 319 -32.37 -10.61 -25.41
C GLU B 319 -32.50 -9.10 -25.14
N ASP B 320 -31.49 -8.54 -24.48
CA ASP B 320 -31.45 -7.11 -24.14
C ASP B 320 -30.51 -6.33 -25.06
N ALA B 321 -29.32 -6.88 -25.30
CA ALA B 321 -28.24 -6.15 -25.95
C ALA B 321 -28.35 -6.19 -27.48
N ARG B 322 -27.20 -6.14 -28.16
CA ARG B 322 -27.12 -6.38 -29.59
C ARG B 322 -26.64 -7.81 -29.82
N ILE B 323 -26.79 -8.26 -31.05
CA ILE B 323 -26.33 -9.59 -31.47
C ILE B 323 -24.80 -9.61 -31.38
N ILE B 324 -24.22 -8.44 -31.65
CA ILE B 324 -22.77 -8.22 -31.65
C ILE B 324 -22.20 -8.49 -30.26
N ASP B 325 -23.00 -8.25 -29.22
CA ASP B 325 -22.61 -8.62 -27.85
C ASP B 325 -22.74 -10.12 -27.63
N ALA B 326 -23.75 -10.73 -28.26
CA ALA B 326 -23.95 -12.16 -28.11
C ALA B 326 -22.83 -12.94 -28.77
N LEU B 327 -22.50 -12.58 -30.01
CA LEU B 327 -21.42 -13.26 -30.75
C LEU B 327 -20.04 -12.97 -30.14
N SER B 328 -19.87 -11.77 -29.58
CA SER B 328 -18.70 -11.46 -28.80
C SER B 328 -18.59 -12.49 -27.68
N TYR B 329 -19.65 -12.62 -26.90
CA TYR B 329 -19.66 -13.53 -25.75
C TYR B 329 -19.24 -14.93 -26.17
N LEU B 330 -19.56 -15.32 -27.40
CA LEU B 330 -19.34 -16.69 -27.87
C LEU B 330 -17.92 -16.94 -28.35
N THR B 331 -17.39 -16.04 -29.20
CA THR B 331 -15.98 -16.14 -29.63
C THR B 331 -15.05 -16.11 -28.42
N GLU B 332 -15.47 -15.38 -27.39
CA GLU B 332 -14.80 -15.33 -26.10
C GLU B 332 -14.84 -16.72 -25.41
N PHE B 333 -15.83 -17.55 -25.75
CA PHE B 333 -15.92 -18.90 -25.20
C PHE B 333 -15.31 -19.98 -26.08
N PHE B 334 -15.45 -19.86 -27.40
CA PHE B 334 -14.92 -20.88 -28.32
C PHE B 334 -13.39 -20.81 -28.56
N THR B 335 -12.81 -19.63 -28.37
CA THR B 335 -11.35 -19.52 -28.35
C THR B 335 -10.79 -19.96 -27.00
N ASN B 336 -11.63 -19.99 -25.96
CA ASN B 336 -11.28 -20.53 -24.64
C ASN B 336 -11.50 -22.04 -24.50
N VAL B 337 -12.18 -22.64 -25.47
CA VAL B 337 -12.38 -24.09 -25.50
C VAL B 337 -11.08 -24.77 -25.89
N LYS B 338 -10.24 -24.06 -26.65
CA LYS B 338 -8.92 -24.57 -27.06
C LYS B 338 -7.97 -24.70 -25.87
N ASN B 339 -7.93 -23.66 -25.02
CA ASN B 339 -7.04 -23.57 -23.87
C ASN B 339 -6.98 -24.84 -23.01
N GLY B 340 -8.12 -25.23 -22.46
CA GLY B 340 -8.20 -26.39 -21.56
C GLY B 340 -8.06 -27.72 -22.29
N PRO B 341 -8.76 -28.77 -21.80
CA PRO B 341 -8.60 -30.11 -22.37
C PRO B 341 -8.76 -30.15 -23.90
N TYR B 342 -9.87 -29.61 -24.40
CA TYR B 342 -10.22 -29.70 -25.82
C TYR B 342 -10.27 -31.15 -26.30
N THR B 343 -11.07 -31.95 -25.59
CA THR B 343 -11.21 -33.40 -25.87
C THR B 343 -12.00 -33.65 -27.16
N GLU B 344 -12.20 -34.92 -27.49
CA GLU B 344 -12.93 -35.32 -28.69
C GLU B 344 -14.23 -34.53 -28.88
N LEU B 345 -15.09 -34.54 -27.85
CA LEU B 345 -16.40 -33.89 -27.94
C LEU B 345 -16.25 -32.38 -28.11
N GLU B 346 -15.30 -31.80 -27.36
CA GLU B 346 -15.03 -30.35 -27.43
C GLU B 346 -14.63 -29.92 -28.85
N GLN B 347 -14.13 -30.85 -29.65
CA GLN B 347 -13.82 -30.59 -31.05
C GLN B 347 -15.02 -30.71 -31.96
N HIS B 348 -15.89 -31.68 -31.67
CA HIS B 348 -17.05 -31.95 -32.54
C HIS B 348 -18.15 -30.94 -32.36
N LEU B 349 -18.16 -30.27 -31.20
CA LEU B 349 -19.13 -29.20 -30.91
C LEU B 349 -18.66 -27.84 -31.43
N THR B 350 -17.40 -27.51 -31.16
CA THR B 350 -16.77 -26.27 -31.64
C THR B 350 -16.85 -26.16 -33.17
N ALA B 351 -16.66 -27.28 -33.86
CA ALA B 351 -16.72 -27.35 -35.32
C ALA B 351 -18.15 -27.10 -35.87
N LYS B 352 -19.13 -27.67 -35.18
CA LYS B 352 -20.54 -27.48 -35.53
C LYS B 352 -20.91 -25.98 -35.54
N PHE B 353 -20.29 -25.23 -34.63
CA PHE B 353 -20.50 -23.80 -34.51
C PHE B 353 -19.84 -23.02 -35.65
N GLN B 354 -18.60 -23.37 -35.98
CA GLN B 354 -17.81 -22.58 -36.94
C GLN B 354 -18.30 -22.71 -38.39
N GLU B 355 -18.98 -23.81 -38.69
CA GLU B 355 -19.68 -23.93 -39.97
C GLU B 355 -20.77 -22.87 -40.03
N LYS B 356 -21.57 -22.80 -38.97
CA LYS B 356 -22.71 -21.88 -38.89
C LYS B 356 -22.32 -20.47 -38.41
N GLU B 357 -21.01 -20.24 -38.24
CA GLU B 357 -20.52 -18.96 -37.72
C GLU B 357 -20.58 -17.79 -38.73
N PRO B 358 -20.05 -17.98 -39.96
CA PRO B 358 -20.08 -16.85 -40.89
C PRO B 358 -21.51 -16.39 -41.20
N GLU B 359 -22.47 -17.30 -41.01
CA GLU B 359 -23.89 -16.96 -41.09
C GLU B 359 -24.22 -15.87 -40.06
N LEU B 360 -23.74 -16.10 -38.85
CA LEU B 360 -24.02 -15.23 -37.71
C LEU B 360 -23.30 -13.88 -37.81
N ILE B 361 -22.03 -13.91 -38.19
CA ILE B 361 -21.21 -12.69 -38.24
C ILE B 361 -21.70 -11.79 -39.37
N ALA B 362 -22.39 -12.40 -40.34
CA ALA B 362 -23.13 -11.66 -41.36
C ALA B 362 -24.38 -11.01 -40.78
N LEU B 363 -24.99 -11.68 -39.79
CA LEU B 363 -26.14 -11.12 -39.06
C LEU B 363 -25.75 -10.04 -38.05
N SER B 364 -24.57 -10.18 -37.45
CA SER B 364 -24.03 -9.11 -36.62
C SER B 364 -24.07 -7.83 -37.41
N LYS B 365 -23.53 -7.90 -38.63
CA LYS B 365 -23.37 -6.75 -39.52
C LYS B 365 -24.71 -6.15 -40.00
N ASP B 366 -25.84 -6.69 -39.53
CA ASP B 366 -27.17 -6.25 -39.99
C ASP B 366 -27.44 -4.79 -39.65
N GLU B 367 -28.50 -4.24 -40.24
CA GLU B 367 -28.90 -2.86 -39.98
C GLU B 367 -30.26 -2.87 -39.29
N THR B 368 -31.28 -3.34 -39.99
CA THR B 368 -32.66 -3.33 -39.47
C THR B 368 -32.77 -4.30 -38.31
N ASN B 369 -32.42 -5.56 -38.60
CA ASN B 369 -32.56 -6.65 -37.63
C ASN B 369 -31.69 -6.46 -36.38
N GLU B 370 -32.12 -5.57 -35.49
CA GLU B 370 -31.49 -5.38 -34.18
C GLU B 370 -32.56 -5.24 -33.10
N ASN B 371 -32.15 -5.41 -31.84
CA ASN B 371 -33.04 -5.31 -30.69
C ASN B 371 -33.75 -3.95 -30.62
N PRO B 372 -35.09 -3.94 -30.77
CA PRO B 372 -35.85 -2.69 -30.86
C PRO B 372 -35.98 -1.93 -29.54
N LYS B 373 -35.69 -2.61 -28.43
CA LYS B 373 -35.55 -1.95 -27.13
C LYS B 373 -34.40 -0.94 -27.21
N LEU B 374 -33.32 -1.33 -27.87
CA LEU B 374 -32.18 -0.47 -28.07
C LEU B 374 -32.50 0.63 -29.09
N GLU B 375 -33.32 0.30 -30.10
CA GLU B 375 -33.78 1.29 -31.08
C GLU B 375 -34.61 2.38 -30.39
N GLU B 376 -35.38 1.98 -29.37
CA GLU B 376 -36.22 2.92 -28.64
C GLU B 376 -35.41 3.78 -27.66
N LEU B 377 -34.52 3.17 -26.90
CA LEU B 377 -33.63 3.92 -26.02
C LEU B 377 -32.92 5.03 -26.83
N VAL B 378 -32.28 4.62 -27.93
CA VAL B 378 -31.64 5.55 -28.85
C VAL B 378 -32.57 6.72 -29.16
N CYS B 379 -33.80 6.38 -29.55
CA CYS B 379 -34.83 7.37 -29.81
C CYS B 379 -35.07 8.24 -28.58
N ILE B 380 -35.26 7.59 -27.42
CA ILE B 380 -35.65 8.26 -26.18
C ILE B 380 -34.60 9.23 -25.68
N LEU B 381 -33.33 8.83 -25.82
CA LEU B 381 -32.17 9.66 -25.41
C LEU B 381 -31.95 10.88 -26.34
N ASP B 382 -32.12 10.67 -27.63
CA ASP B 382 -32.09 11.77 -28.60
C ASP B 382 -33.24 12.75 -28.37
N ASP B 383 -34.47 12.22 -28.28
CA ASP B 383 -35.68 13.02 -27.95
C ASP B 383 -35.47 14.01 -26.81
N ALA B 384 -34.59 13.67 -25.87
CA ALA B 384 -34.36 14.47 -24.66
C ALA B 384 -33.09 15.29 -24.72
N TYR B 385 -32.11 14.87 -25.52
CA TYR B 385 -30.83 15.59 -25.59
C TYR B 385 -30.81 16.66 -26.68
N ARG B 386 -31.83 16.67 -27.54
CA ARG B 386 -31.98 17.76 -28.50
C ARG B 386 -32.89 18.82 -27.89
N TYR B 387 -34.03 18.40 -27.35
CA TYR B 387 -34.92 19.31 -26.63
C TYR B 387 -34.18 20.02 -25.50
N ASN B 388 -33.28 19.32 -24.83
CA ASN B 388 -32.41 19.92 -23.82
C ASN B 388 -31.01 19.32 -23.88
N PRO B 389 -30.05 20.06 -24.45
CA PRO B 389 -28.68 19.54 -24.56
C PRO B 389 -27.95 19.34 -23.23
N GLN B 390 -28.42 19.96 -22.15
CA GLN B 390 -27.73 19.83 -20.87
C GLN B 390 -28.46 18.94 -19.86
N THR B 391 -29.19 17.95 -20.37
CA THR B 391 -29.84 16.94 -19.54
C THR B 391 -28.80 16.05 -18.87
N ARG B 392 -29.13 15.47 -17.73
CA ARG B 392 -28.28 14.44 -17.13
C ARG B 392 -29.12 13.24 -16.81
N THR B 393 -28.94 12.18 -17.57
CA THR B 393 -29.74 10.95 -17.42
C THR B 393 -29.11 9.95 -16.46
N LEU B 394 -29.96 9.11 -15.87
CA LEU B 394 -29.49 7.86 -15.28
C LEU B 394 -30.20 6.70 -15.95
N LEU B 395 -29.44 5.90 -16.69
CA LEU B 395 -29.97 4.69 -17.29
C LEU B 395 -29.73 3.48 -16.38
N PHE B 396 -30.81 2.99 -15.78
CA PHE B 396 -30.74 1.83 -14.89
C PHE B 396 -30.99 0.51 -15.63
N ALA B 397 -30.09 -0.45 -15.45
CA ALA B 397 -30.30 -1.82 -15.91
C ALA B 397 -30.07 -2.77 -14.74
N LYS B 398 -30.57 -3.99 -14.87
CA LYS B 398 -30.67 -4.84 -13.70
C LYS B 398 -29.32 -5.44 -13.33
N THR B 399 -28.54 -5.83 -14.34
CA THR B 399 -27.31 -6.57 -14.13
C THR B 399 -26.06 -5.86 -14.65
N ARG B 400 -24.95 -6.02 -13.92
CA ARG B 400 -23.66 -5.43 -14.27
C ARG B 400 -23.38 -5.68 -15.74
N ALA B 401 -23.27 -6.94 -16.11
CA ALA B 401 -23.06 -7.32 -17.50
C ALA B 401 -23.84 -6.39 -18.44
N LEU B 402 -25.15 -6.27 -18.20
CA LEU B 402 -26.02 -5.47 -19.06
C LEU B 402 -25.66 -3.99 -19.00
N VAL B 403 -25.44 -3.48 -17.79
CA VAL B 403 -25.07 -2.08 -17.60
C VAL B 403 -23.83 -1.80 -18.41
N SER B 404 -22.84 -2.70 -18.27
CA SER B 404 -21.53 -2.54 -18.92
C SER B 404 -21.63 -2.67 -20.45
N ALA B 405 -22.50 -3.60 -20.88
CA ALA B 405 -22.78 -3.83 -22.30
C ALA B 405 -23.52 -2.66 -22.92
N LEU B 406 -24.28 -1.94 -22.09
CA LEU B 406 -25.02 -0.78 -22.56
C LEU B 406 -24.07 0.37 -22.84
N LYS B 407 -23.01 0.51 -22.04
CA LYS B 407 -22.01 1.56 -22.29
C LYS B 407 -21.40 1.39 -23.67
N LYS B 408 -21.15 0.13 -24.07
CA LYS B 408 -20.69 -0.18 -25.42
C LYS B 408 -21.74 0.27 -26.44
N CYS B 409 -22.99 0.01 -26.14
CA CYS B 409 -24.06 0.38 -27.06
C CYS B 409 -24.14 1.90 -27.24
N MET B 410 -23.81 2.67 -26.22
CA MET B 410 -23.81 4.13 -26.31
C MET B 410 -22.67 4.61 -27.18
N GLU B 411 -21.45 4.20 -26.78
CA GLU B 411 -20.21 4.65 -27.39
C GLU B 411 -20.21 4.36 -28.88
N GLU B 412 -20.67 3.16 -29.24
CA GLU B 412 -20.52 2.66 -30.60
C GLU B 412 -21.63 3.11 -31.55
N ASN B 413 -22.65 3.80 -31.02
CA ASN B 413 -23.72 4.33 -31.86
C ASN B 413 -23.46 5.80 -32.19
N PRO B 414 -23.29 6.12 -33.49
CA PRO B 414 -22.99 7.49 -33.93
C PRO B 414 -24.01 8.53 -33.48
N ILE B 415 -25.26 8.10 -33.35
CA ILE B 415 -26.38 9.01 -33.06
C ILE B 415 -26.45 9.35 -31.57
N LEU B 416 -25.73 8.59 -30.75
CA LEU B 416 -25.79 8.78 -29.29
C LEU B 416 -24.48 9.17 -28.62
N ASN B 417 -23.37 9.15 -29.35
CA ASN B 417 -22.09 9.44 -28.70
C ASN B 417 -21.81 10.93 -28.48
N TYR B 418 -22.81 11.79 -28.72
CA TYR B 418 -22.85 13.12 -28.08
C TYR B 418 -22.13 13.02 -26.74
N ILE B 419 -22.69 12.17 -25.88
CA ILE B 419 -22.41 12.17 -24.44
C ILE B 419 -21.54 11.00 -24.11
N LYS B 420 -20.52 11.28 -23.32
CA LYS B 420 -19.72 10.22 -22.75
C LYS B 420 -20.63 9.53 -21.71
N PRO B 421 -20.63 8.21 -21.68
CA PRO B 421 -21.43 7.56 -20.67
C PRO B 421 -20.60 6.90 -19.57
N GLY B 422 -20.99 7.10 -18.31
CA GLY B 422 -20.31 6.43 -17.18
C GLY B 422 -20.98 5.15 -16.72
N VAL B 423 -20.38 4.46 -15.76
CA VAL B 423 -20.99 3.26 -15.18
C VAL B 423 -20.78 3.20 -13.68
N LEU B 424 -21.82 2.75 -12.96
CA LEU B 424 -21.82 2.65 -11.47
C LEU B 424 -22.17 1.23 -11.01
N MET B 425 -21.51 0.74 -9.95
CA MET B 425 -21.53 -0.70 -9.64
C MET B 425 -21.08 -1.09 -8.24
N GLY B 426 -20.99 -2.38 -8.00
CA GLY B 426 -20.30 -2.92 -6.84
C GLY B 426 -19.01 -3.58 -7.34
N ARG B 427 -18.80 -4.84 -6.98
CA ARG B 427 -17.51 -5.46 -7.22
C ARG B 427 -17.60 -7.01 -7.22
N GLY B 428 -17.10 -7.65 -8.27
CA GLY B 428 -17.19 -9.11 -8.43
C GLY B 428 -15.98 -9.85 -7.88
N MET B 436 -15.91 -2.75 -10.43
CA MET B 436 -15.65 -1.38 -9.99
C MET B 436 -15.14 -1.27 -8.52
N THR B 437 -14.11 -0.46 -8.33
CA THR B 437 -13.48 -0.22 -7.03
C THR B 437 -14.20 0.90 -6.30
N LEU B 438 -14.18 0.87 -4.96
CA LEU B 438 -14.87 1.93 -4.18
C LEU B 438 -14.32 3.36 -4.39
N PRO B 439 -13.02 3.51 -4.76
CA PRO B 439 -12.55 4.83 -5.23
C PRO B 439 -13.00 5.15 -6.65
N SER B 440 -12.85 4.17 -7.53
CA SER B 440 -13.34 4.30 -8.90
C SER B 440 -14.82 4.76 -8.95
N GLN B 441 -15.60 4.41 -7.93
CA GLN B 441 -17.00 4.87 -7.80
C GLN B 441 -17.05 6.35 -7.47
N LYS B 442 -16.33 6.74 -6.41
CA LYS B 442 -16.30 8.13 -6.00
C LYS B 442 -16.04 9.00 -7.23
N GLY B 443 -15.13 8.55 -8.09
CA GLY B 443 -14.75 9.29 -9.28
C GLY B 443 -15.91 9.52 -10.23
N VAL B 444 -16.54 8.44 -10.68
CA VAL B 444 -17.54 8.51 -11.75
C VAL B 444 -18.78 9.34 -11.35
N LEU B 445 -19.18 9.22 -10.07
CA LEU B 445 -20.32 9.96 -9.55
C LEU B 445 -20.02 11.44 -9.43
N ASP B 446 -18.90 11.73 -8.75
CA ASP B 446 -18.38 13.09 -8.58
C ASP B 446 -18.25 13.80 -9.93
N ALA B 447 -17.77 13.06 -10.92
CA ALA B 447 -17.74 13.50 -12.31
C ALA B 447 -19.15 13.82 -12.76
N PHE B 448 -19.98 12.78 -12.86
CA PHE B 448 -21.30 12.87 -13.44
C PHE B 448 -22.20 14.00 -12.92
N LYS B 449 -21.96 14.47 -11.68
CA LYS B 449 -22.79 15.53 -11.11
C LYS B 449 -22.68 16.85 -11.86
N THR B 450 -21.45 17.22 -12.20
CA THR B 450 -21.12 18.57 -12.66
C THR B 450 -20.18 18.66 -13.86
N SER B 451 -19.78 17.52 -14.43
CA SER B 451 -18.77 17.47 -15.49
C SER B 451 -19.17 18.24 -16.77
N LYS B 452 -20.37 17.95 -17.26
CA LYS B 452 -20.86 18.46 -18.55
C LYS B 452 -20.08 17.77 -19.69
N ASP B 453 -19.15 16.89 -19.29
CA ASP B 453 -18.55 15.89 -20.16
C ASP B 453 -19.53 14.71 -20.21
N ASN B 454 -19.39 13.74 -19.29
CA ASN B 454 -20.34 12.63 -19.22
C ASN B 454 -21.62 13.08 -18.54
N ARG B 455 -22.58 13.44 -19.38
CA ARG B 455 -23.90 13.84 -18.96
C ARG B 455 -24.90 12.69 -18.92
N LEU B 456 -24.43 11.44 -18.90
CA LEU B 456 -25.31 10.29 -18.71
C LEU B 456 -24.58 9.18 -17.96
N LEU B 457 -25.26 8.59 -16.98
CA LEU B 457 -24.66 7.58 -16.12
C LEU B 457 -25.52 6.33 -16.06
N ILE B 458 -25.07 5.29 -16.74
CA ILE B 458 -25.69 3.98 -16.65
C ILE B 458 -25.31 3.37 -15.30
N ALA B 459 -26.30 2.85 -14.57
CA ALA B 459 -26.05 2.31 -13.22
C ALA B 459 -26.89 1.10 -12.88
N THR B 460 -26.51 0.49 -11.77
CA THR B 460 -27.18 -0.67 -11.24
C THR B 460 -27.84 -0.29 -9.92
N SER B 461 -28.42 -1.28 -9.23
CA SER B 461 -29.14 -1.10 -7.97
C SER B 461 -28.45 -0.22 -6.95
N VAL B 462 -27.13 -0.08 -7.02
CA VAL B 462 -26.41 0.77 -6.07
C VAL B 462 -27.04 2.17 -6.04
N ALA B 463 -27.26 2.68 -7.25
CA ALA B 463 -27.74 4.02 -7.48
C ALA B 463 -29.23 4.27 -7.20
N ASP B 464 -30.03 3.23 -7.00
CA ASP B 464 -31.51 3.40 -7.03
C ASP B 464 -32.12 3.98 -5.75
N GLU B 465 -31.33 4.04 -4.70
CA GLU B 465 -31.80 4.56 -3.42
C GLU B 465 -30.96 5.72 -2.89
N GLY B 466 -31.66 6.74 -2.36
CA GLY B 466 -31.05 7.78 -1.53
C GLY B 466 -30.08 8.76 -2.18
N ILE B 467 -29.63 8.47 -3.38
CA ILE B 467 -28.54 9.20 -4.06
C ILE B 467 -29.00 10.48 -4.74
N ASP B 468 -28.24 11.56 -4.54
CA ASP B 468 -28.70 12.91 -4.88
C ASP B 468 -27.90 13.56 -6.03
N ILE B 469 -28.33 13.37 -7.27
CA ILE B 469 -27.68 14.03 -8.43
C ILE B 469 -28.51 15.26 -8.76
N VAL B 470 -28.17 16.39 -8.14
CA VAL B 470 -29.04 17.56 -8.21
C VAL B 470 -29.39 17.86 -9.66
N GLN B 471 -28.39 17.91 -10.52
CA GLN B 471 -28.60 18.25 -11.93
C GLN B 471 -29.28 17.14 -12.73
N CYS B 472 -29.69 16.05 -12.09
CA CYS B 472 -30.32 14.99 -12.86
C CYS B 472 -31.67 15.42 -13.33
N ASN B 473 -31.96 15.08 -14.57
CA ASN B 473 -33.11 15.58 -15.27
C ASN B 473 -34.07 14.43 -15.61
N LEU B 474 -33.53 13.43 -16.29
CA LEU B 474 -34.28 12.27 -16.76
C LEU B 474 -33.73 10.97 -16.14
N VAL B 475 -34.61 10.03 -15.81
CA VAL B 475 -34.21 8.70 -15.38
C VAL B 475 -34.86 7.62 -16.23
N VAL B 476 -34.05 6.87 -16.96
CA VAL B 476 -34.55 5.85 -17.87
C VAL B 476 -34.37 4.46 -17.26
N LEU B 477 -35.41 3.63 -17.36
CA LEU B 477 -35.38 2.26 -16.84
C LEU B 477 -35.36 1.28 -18.00
N TYR B 478 -34.27 0.54 -18.15
CA TYR B 478 -34.13 -0.42 -19.23
C TYR B 478 -34.41 -1.81 -18.68
N GLU B 479 -35.66 -2.25 -18.84
CA GLU B 479 -36.12 -3.51 -18.29
C GLU B 479 -35.80 -3.54 -16.80
N TYR B 480 -36.01 -2.40 -16.15
CA TYR B 480 -35.86 -2.29 -14.71
C TYR B 480 -37.27 -2.41 -14.10
N SER B 481 -37.52 -3.56 -13.49
CA SER B 481 -38.85 -4.01 -13.13
C SER B 481 -39.30 -3.40 -11.79
N GLY B 482 -40.06 -4.18 -11.02
CA GLY B 482 -39.89 -4.18 -9.57
C GLY B 482 -41.03 -3.89 -8.61
N ASN B 483 -40.71 -4.08 -7.33
CA ASN B 483 -41.49 -3.69 -6.18
C ASN B 483 -41.98 -2.25 -6.31
N VAL B 484 -42.99 -1.87 -5.52
CA VAL B 484 -43.41 -0.46 -5.41
C VAL B 484 -42.26 0.41 -4.95
N THR B 485 -41.58 -0.05 -3.90
CA THR B 485 -40.48 0.68 -3.30
C THR B 485 -39.43 1.06 -4.37
N LYS B 486 -38.92 0.10 -5.12
CA LYS B 486 -37.96 0.40 -6.18
C LYS B 486 -38.55 1.44 -7.14
N MET B 487 -39.66 1.08 -7.77
CA MET B 487 -40.31 1.98 -8.72
C MET B 487 -40.93 3.24 -8.09
N ILE B 488 -40.63 3.53 -6.82
CA ILE B 488 -40.81 4.88 -6.23
C ILE B 488 -39.47 5.59 -6.08
N GLN B 489 -38.51 4.84 -5.57
CA GLN B 489 -37.18 5.35 -5.23
C GLN B 489 -36.36 5.62 -6.47
N VAL B 490 -36.60 4.85 -7.53
CA VAL B 490 -35.82 5.03 -8.73
C VAL B 490 -36.26 6.28 -9.46
N ARG B 491 -37.56 6.52 -9.57
CA ARG B 491 -38.02 7.70 -10.31
C ARG B 491 -37.67 8.98 -9.55
N GLY B 492 -37.35 8.80 -8.27
CA GLY B 492 -36.93 9.87 -7.40
C GLY B 492 -35.46 10.21 -7.49
N ARG B 493 -34.71 9.45 -8.29
CA ARG B 493 -33.34 9.82 -8.60
C ARG B 493 -33.32 11.06 -9.48
N GLY B 494 -34.39 11.28 -10.23
CA GLY B 494 -34.58 12.49 -10.99
C GLY B 494 -35.02 13.63 -10.09
N ARG B 495 -34.14 14.61 -9.93
CA ARG B 495 -34.38 15.76 -9.05
C ARG B 495 -34.61 17.03 -9.88
N ALA B 496 -34.57 18.16 -9.18
CA ALA B 496 -34.37 19.49 -9.79
C ALA B 496 -35.45 19.91 -10.80
N ALA B 497 -36.72 19.84 -10.40
CA ALA B 497 -37.83 20.39 -11.18
C ALA B 497 -38.03 19.64 -12.49
N GLY B 498 -36.97 19.61 -13.28
CA GLY B 498 -36.90 18.70 -14.40
C GLY B 498 -36.97 17.27 -13.87
N SER B 499 -38.10 16.62 -14.11
CA SER B 499 -38.27 15.22 -13.79
C SER B 499 -39.02 14.57 -14.94
N LYS B 500 -38.52 13.42 -15.34
CA LYS B 500 -39.18 12.56 -16.30
C LYS B 500 -38.64 11.19 -15.98
N CYS B 501 -39.44 10.16 -16.20
CA CYS B 501 -39.02 8.80 -15.91
C CYS B 501 -39.63 7.82 -16.90
N ILE B 502 -38.82 7.29 -17.80
CA ILE B 502 -39.32 6.48 -18.89
C ILE B 502 -38.83 5.03 -18.75
N LEU B 503 -39.77 4.09 -18.79
CA LEU B 503 -39.44 2.66 -18.78
C LEU B 503 -39.41 2.15 -20.22
N VAL B 504 -38.67 1.07 -20.46
CA VAL B 504 -38.66 0.40 -21.78
C VAL B 504 -38.74 -1.11 -21.63
N THR B 505 -39.93 -1.69 -21.86
CA THR B 505 -40.09 -3.14 -21.77
C THR B 505 -40.39 -3.74 -23.11
N SER B 506 -40.25 -5.05 -23.18
CA SER B 506 -40.86 -5.83 -24.24
C SER B 506 -41.84 -6.83 -23.65
N LYS B 507 -41.79 -7.04 -22.34
CA LYS B 507 -42.64 -8.01 -21.68
C LYS B 507 -44.01 -7.44 -21.32
N THR B 508 -45.03 -8.29 -21.32
CA THR B 508 -46.38 -7.88 -20.97
C THR B 508 -46.42 -7.60 -19.49
N GLU B 509 -46.07 -8.62 -18.72
CA GLU B 509 -46.24 -8.62 -17.28
C GLU B 509 -45.61 -7.38 -16.65
N VAL B 510 -44.43 -7.01 -17.17
CA VAL B 510 -43.70 -5.84 -16.67
C VAL B 510 -44.48 -4.56 -16.91
N VAL B 511 -45.18 -4.46 -18.04
CA VAL B 511 -46.01 -3.28 -18.28
C VAL B 511 -47.13 -3.25 -17.25
N GLU B 512 -47.63 -4.42 -16.90
CA GLU B 512 -48.73 -4.53 -15.95
C GLU B 512 -48.30 -4.43 -14.50
N ASN B 513 -47.40 -5.30 -14.08
CA ASN B 513 -46.89 -5.19 -12.70
C ASN B 513 -46.67 -3.74 -12.33
N GLU B 514 -46.08 -2.96 -13.24
CA GLU B 514 -45.80 -1.57 -12.93
C GLU B 514 -47.10 -0.79 -12.71
N LYS B 515 -48.12 -1.00 -13.55
CA LYS B 515 -49.42 -0.34 -13.36
C LYS B 515 -49.91 -0.74 -11.99
N CYS B 516 -49.88 -2.04 -11.74
CA CYS B 516 -50.21 -2.58 -10.43
C CYS B 516 -49.56 -1.70 -9.35
N ASN B 517 -48.27 -1.40 -9.51
CA ASN B 517 -47.54 -0.57 -8.56
C ASN B 517 -48.21 0.79 -8.38
N ARG B 518 -48.55 1.45 -9.48
CA ARG B 518 -49.16 2.77 -9.41
C ARG B 518 -50.44 2.76 -8.59
N TYR B 519 -51.06 1.58 -8.50
CA TYR B 519 -52.19 1.41 -7.58
C TYR B 519 -51.65 1.25 -6.17
N LYS B 520 -50.79 0.26 -5.99
CA LYS B 520 -50.23 -0.04 -4.68
C LYS B 520 -49.69 1.24 -4.01
N GLU B 521 -49.06 2.11 -4.80
CA GLU B 521 -48.47 3.34 -4.27
C GLU B 521 -49.55 4.32 -3.78
N GLU B 522 -50.64 4.40 -4.53
CA GLU B 522 -51.74 5.25 -4.14
C GLU B 522 -52.27 4.69 -2.81
N MET B 523 -52.58 3.39 -2.82
CA MET B 523 -53.03 2.68 -1.62
C MET B 523 -52.09 2.91 -0.43
N MET B 524 -50.79 2.90 -0.69
CA MET B 524 -49.76 3.10 0.34
C MET B 524 -49.96 4.42 1.06
N ASN B 525 -50.19 5.48 0.28
CA ASN B 525 -50.35 6.81 0.85
C ASN B 525 -51.55 6.86 1.80
N LYS B 526 -52.70 6.39 1.31
CA LYS B 526 -53.92 6.38 2.11
C LYS B 526 -53.66 5.66 3.41
N ALA B 527 -53.13 4.44 3.31
CA ALA B 527 -52.78 3.65 4.48
C ALA B 527 -52.21 4.57 5.56
N VAL B 528 -51.22 5.36 5.17
CA VAL B 528 -50.56 6.26 6.12
C VAL B 528 -51.48 7.40 6.52
N GLU B 529 -51.91 8.18 5.52
CA GLU B 529 -52.84 9.28 5.75
C GLU B 529 -53.89 8.87 6.75
N LYS B 530 -54.32 7.62 6.62
CA LYS B 530 -55.30 7.04 7.53
C LYS B 530 -54.65 6.78 8.88
N ILE B 531 -53.61 5.96 8.90
CA ILE B 531 -52.91 5.63 10.15
C ILE B 531 -52.61 6.89 10.98
N GLN B 532 -52.34 7.98 10.28
CA GLN B 532 -52.06 9.26 10.91
C GLN B 532 -53.23 9.89 11.64
N LYS B 533 -54.45 9.49 11.28
CA LYS B 533 -55.64 10.07 11.88
C LYS B 533 -56.08 9.36 13.17
N TRP B 534 -55.27 8.41 13.65
CA TRP B 534 -55.50 7.78 14.95
C TRP B 534 -55.02 8.64 16.07
N ASP B 535 -55.39 8.26 17.30
CA ASP B 535 -54.90 8.95 18.49
C ASP B 535 -53.64 8.24 19.01
N GLU B 536 -52.80 9.02 19.68
CA GLU B 536 -51.60 8.52 20.34
C GLU B 536 -51.76 7.09 20.86
N GLU B 537 -52.68 6.93 21.80
CA GLU B 537 -52.83 5.67 22.53
C GLU B 537 -53.05 4.48 21.60
N THR B 538 -53.94 4.64 20.64
CA THR B 538 -54.39 3.52 19.79
C THR B 538 -53.35 3.06 18.76
N PHE B 539 -52.49 3.98 18.32
CA PHE B 539 -51.32 3.64 17.49
C PHE B 539 -50.30 2.91 18.35
N ALA B 540 -49.85 3.58 19.41
CA ALA B 540 -48.96 2.97 20.37
C ALA B 540 -49.45 1.55 20.67
N LYS B 541 -50.72 1.42 21.05
CA LYS B 541 -51.28 0.12 21.41
C LYS B 541 -51.18 -0.90 20.27
N LYS B 542 -51.30 -0.43 19.03
CA LYS B 542 -51.15 -1.30 17.85
C LYS B 542 -49.74 -1.85 17.74
N ILE B 543 -48.73 -0.99 17.95
CA ILE B 543 -47.33 -1.39 17.80
C ILE B 543 -46.97 -2.42 18.88
N HIS B 544 -47.39 -2.19 20.12
CA HIS B 544 -47.04 -3.10 21.20
C HIS B 544 -47.67 -4.45 20.96
N ASN B 545 -48.97 -4.43 20.72
CA ASN B 545 -49.71 -5.63 20.29
C ASN B 545 -48.99 -6.44 19.19
N LEU B 546 -48.35 -5.73 18.27
CA LEU B 546 -47.58 -6.39 17.20
C LEU B 546 -46.22 -6.86 17.69
N GLN B 547 -45.58 -6.08 18.55
CA GLN B 547 -44.25 -6.43 19.05
C GLN B 547 -44.35 -7.66 19.94
N MET B 548 -45.37 -7.68 20.79
CA MET B 548 -45.53 -8.76 21.77
C MET B 548 -45.58 -10.12 21.06
N LYS B 549 -45.68 -10.10 19.73
CA LYS B 549 -45.60 -11.30 18.92
C LYS B 549 -44.23 -11.95 18.84
N GLU B 550 -43.17 -11.20 19.15
CA GLU B 550 -41.83 -11.75 19.06
C GLU B 550 -41.29 -12.14 20.44
N ARG B 551 -42.03 -11.83 21.50
CA ARG B 551 -41.55 -11.98 22.87
C ARG B 551 -41.12 -13.40 23.19
N VAL B 552 -40.02 -13.53 23.95
CA VAL B 552 -39.51 -14.82 24.40
C VAL B 552 -39.69 -15.02 25.91
N LEU B 553 -40.27 -16.16 26.28
CA LEU B 553 -40.42 -16.53 27.69
C LEU B 553 -39.03 -16.61 28.29
N ARG B 554 -38.85 -16.04 29.49
CA ARG B 554 -37.52 -15.90 30.06
C ARG B 554 -37.30 -16.69 31.34
N ASP B 555 -36.24 -17.51 31.34
CA ASP B 555 -35.88 -18.37 32.47
C ASP B 555 -34.35 -18.40 32.63
#